data_8CPB
#
_entry.id   8CPB
#
_cell.length_a   90.670
_cell.length_b   90.670
_cell.length_c   171.686
_cell.angle_alpha   90.000
_cell.angle_beta   90.000
_cell.angle_gamma   120.000
#
_symmetry.space_group_name_H-M   'P 63'
#
loop_
_entity.id
_entity.type
_entity.pdbx_description
1 polymer 'Anhydro-N-acetylmuramic acid kinase'
2 non-polymer 'PHOSPHOAMINOPHOSPHONIC ACID-ADENYLATE ESTER'
3 non-polymer '2-(2-ACETYLAMINO-4-HYDROXY-6,8-DIOXA-BICYCLO[3.2.1]OCT-3-YLOXY)-PROPIONIC ACID'
4 non-polymer GLYCEROL
5 non-polymer 'L(+)-TARTARIC ACID'
6 water water
#
_entity_poly.entity_id   1
_entity_poly.type   'polypeptide(L)'
_entity_poly.pdbx_seq_one_letter_code
;GAGAGMPRYLGLMSGTSLDGMDIVLIEQGDRTTLLASHYLPMPAGLREDILALCVPGPDEIARAAEVEQRWVALAAQGVR
ELLLQQQMSPDEVRAIGSHGQTIRHEPARHFTVQIGNPALLAELTGIDVVADFRRRDVAAGGQGAPLVPAFHQALFGDDD
TSRAVLNIGGFSNVSLLSPGKPVRGFDCGPGNVLMDAWIHHQRGEHFDRDGAWAASGQVNHALLASLLADEFFAARGPKS
TGRERFNLPWLQEHLARHPALPAADIQATLLELSARSISESLLDAQPDCEEVLVCGGGAFNTALMKRLAMLMPEARVAST
DEYGIPPAWMEGMAFAWLAHRFLERLPGNCPDVTGALGPRTLGALYPA
;
_entity_poly.pdbx_strand_id   A,B
#
loop_
_chem_comp.id
_chem_comp.type
_chem_comp.name
_chem_comp.formula
AH0 non-polymer '2-(2-ACETYLAMINO-4-HYDROXY-6,8-DIOXA-BICYCLO[3.2.1]OCT-3-YLOXY)-PROPIONIC ACID' 'C11 H17 N O7'
ANP non-polymer 'PHOSPHOAMINOPHOSPHONIC ACID-ADENYLATE ESTER' 'C10 H17 N6 O12 P3'
GOL non-polymer GLYCEROL 'C3 H8 O3'
TLA non-polymer 'L(+)-TARTARIC ACID' 'C4 H6 O6'
#
# COMPACT_ATOMS: atom_id res chain seq x y z
N MET A 6 -0.14 28.47 12.31
CA MET A 6 -1.61 28.16 12.27
C MET A 6 -1.94 27.51 10.93
N PRO A 7 -1.23 26.42 10.53
CA PRO A 7 -1.46 25.80 9.23
C PRO A 7 -2.84 25.14 9.13
N ARG A 8 -3.28 24.93 7.89
CA ARG A 8 -4.57 24.33 7.60
C ARG A 8 -4.36 22.93 7.03
N TYR A 9 -5.15 21.97 7.52
CA TYR A 9 -5.09 20.59 7.07
C TYR A 9 -6.46 20.12 6.62
N LEU A 10 -6.47 19.33 5.53
CA LEU A 10 -7.66 18.61 5.14
C LEU A 10 -7.61 17.21 5.74
N GLY A 11 -8.80 16.71 6.08
CA GLY A 11 -8.99 15.34 6.52
C GLY A 11 -9.97 14.62 5.59
N LEU A 12 -9.64 13.39 5.22
CA LEU A 12 -10.42 12.63 4.27
C LEU A 12 -10.71 11.26 4.86
N MET A 13 -12.00 10.94 4.99
CA MET A 13 -12.40 9.74 5.69
C MET A 13 -13.62 9.14 4.98
N SER A 14 -13.57 7.82 4.86
CA SER A 14 -14.71 7.04 4.43
C SER A 14 -14.69 5.79 5.30
N GLY A 15 -15.66 5.70 6.21
CA GLY A 15 -15.70 4.65 7.22
C GLY A 15 -16.40 3.39 6.74
N THR A 16 -16.68 2.49 7.69
CA THR A 16 -17.12 1.15 7.34
C THR A 16 -18.57 1.13 6.86
N SER A 17 -19.36 2.18 7.14
CA SER A 17 -20.76 2.20 6.73
C SER A 17 -20.92 2.48 5.24
N LEU A 18 -19.90 3.09 4.62
CA LEU A 18 -19.86 3.39 3.19
C LEU A 18 -21.01 4.31 2.77
N ASP A 19 -21.52 5.10 3.72
CA ASP A 19 -22.61 6.02 3.42
C ASP A 19 -22.09 7.12 2.49
N GLY A 20 -20.81 7.46 2.64
CA GLY A 20 -20.22 8.53 1.85
C GLY A 20 -18.84 8.93 2.33
N MET A 21 -18.31 9.97 1.68
CA MET A 21 -16.97 10.47 1.93
C MET A 21 -17.06 11.80 2.68
N ASP A 22 -16.29 11.91 3.76
CA ASP A 22 -16.24 13.09 4.60
C ASP A 22 -14.95 13.85 4.31
N ILE A 23 -15.07 15.13 3.90
CA ILE A 23 -13.92 16.01 3.76
C ILE A 23 -14.05 17.14 4.78
N VAL A 24 -12.99 17.34 5.58
CA VAL A 24 -12.97 18.42 6.57
C VAL A 24 -11.75 19.30 6.31
N LEU A 25 -11.87 20.56 6.71
CA LEU A 25 -10.76 21.49 6.78
C LEU A 25 -10.64 22.01 8.21
N ILE A 26 -9.44 21.90 8.78
CA ILE A 26 -9.18 22.45 10.11
C ILE A 26 -8.07 23.50 10.02
N GLU A 27 -8.02 24.34 11.05
CA GLU A 27 -6.82 25.09 11.39
C GLU A 27 -6.23 24.49 12.65
N GLN A 28 -4.91 24.29 12.67
CA GLN A 28 -4.23 23.75 13.84
C GLN A 28 -3.19 24.76 14.32
N GLY A 29 -3.66 25.72 15.13
CA GLY A 29 -2.79 26.60 15.87
C GLY A 29 -2.54 26.04 17.27
N ASP A 30 -2.83 26.86 18.29
CA ASP A 30 -2.78 26.42 19.68
C ASP A 30 -3.84 25.36 19.91
N ARG A 31 -4.97 25.46 19.18
CA ARG A 31 -6.04 24.48 19.25
C ARG A 31 -6.56 24.15 17.85
N THR A 32 -7.38 23.09 17.79
CA THR A 32 -8.01 22.63 16.57
C THR A 32 -9.31 23.38 16.34
N THR A 33 -9.46 23.96 15.14
CA THR A 33 -10.67 24.68 14.76
C THR A 33 -11.20 24.07 13.45
N LEU A 34 -12.48 23.68 13.46
CA LEU A 34 -13.14 23.20 12.25
C LEU A 34 -13.53 24.41 11.40
N LEU A 35 -12.79 24.62 10.30
CA LEU A 35 -13.03 25.73 9.39
C LEU A 35 -14.20 25.38 8.47
N ALA A 36 -14.17 24.18 7.88
CA ALA A 36 -15.20 23.80 6.92
C ALA A 36 -15.33 22.28 6.84
N SER A 37 -16.39 21.84 6.13
CA SER A 37 -16.62 20.44 5.87
C SER A 37 -17.38 20.28 4.55
N HIS A 38 -17.35 19.06 3.99
CA HIS A 38 -18.10 18.74 2.80
C HIS A 38 -18.36 17.24 2.78
N TYR A 39 -19.59 16.88 2.39
CA TYR A 39 -20.03 15.49 2.38
C TYR A 39 -20.37 15.09 0.96
N LEU A 40 -19.87 13.91 0.54
CA LEU A 40 -20.23 13.29 -0.72
C LEU A 40 -20.90 11.94 -0.44
N PRO A 41 -22.12 11.67 -0.94
CA PRO A 41 -22.69 10.33 -0.88
C PRO A 41 -21.84 9.34 -1.69
N MET A 42 -21.79 8.09 -1.21
CA MET A 42 -21.05 7.06 -1.91
C MET A 42 -21.91 6.58 -3.08
N PRO A 43 -21.40 6.70 -4.33
CA PRO A 43 -22.08 6.09 -5.48
C PRO A 43 -22.37 4.62 -5.19
N ALA A 44 -23.55 4.16 -5.63
CA ALA A 44 -24.05 2.83 -5.31
C ALA A 44 -23.09 1.74 -5.78
N GLY A 45 -22.62 1.86 -7.03
CA GLY A 45 -21.72 0.87 -7.61
C GLY A 45 -20.40 0.79 -6.83
N LEU A 46 -19.87 1.95 -6.45
CA LEU A 46 -18.61 1.99 -5.72
C LEU A 46 -18.77 1.36 -4.34
N ARG A 47 -19.90 1.64 -3.68
CA ARG A 47 -20.20 1.05 -2.38
C ARG A 47 -20.17 -0.48 -2.47
N GLU A 48 -20.85 -1.03 -3.49
CA GLU A 48 -20.92 -2.48 -3.68
C GLU A 48 -19.54 -3.06 -4.00
N ASP A 49 -18.76 -2.35 -4.83
CA ASP A 49 -17.41 -2.77 -5.20
C ASP A 49 -16.51 -2.85 -3.96
N ILE A 50 -16.60 -1.83 -3.10
CA ILE A 50 -15.81 -1.80 -1.87
C ILE A 50 -16.27 -2.94 -0.93
N LEU A 51 -17.59 -3.11 -0.74
CA LEU A 51 -18.06 -4.17 0.15
C LEU A 51 -17.57 -5.54 -0.35
N ALA A 52 -17.59 -5.74 -1.68
CA ALA A 52 -17.18 -7.01 -2.29
C ALA A 52 -15.74 -7.36 -1.93
N LEU A 53 -14.92 -6.36 -1.58
CA LEU A 53 -13.51 -6.54 -1.23
C LEU A 53 -13.33 -6.80 0.26
N CYS A 54 -14.40 -6.64 1.05
CA CYS A 54 -14.35 -6.84 2.51
C CYS A 54 -14.47 -8.31 2.89
N VAL A 55 -14.78 -9.19 1.93
CA VAL A 55 -14.83 -10.61 2.19
C VAL A 55 -13.87 -11.30 1.22
N PRO A 56 -13.15 -12.36 1.64
CA PRO A 56 -12.21 -13.06 0.75
C PRO A 56 -12.86 -13.48 -0.56
N GLY A 57 -12.14 -13.18 -1.64
CA GLY A 57 -12.67 -13.34 -2.98
C GLY A 57 -11.57 -13.49 -4.02
N PRO A 58 -11.95 -13.70 -5.30
CA PRO A 58 -10.99 -13.86 -6.38
C PRO A 58 -10.45 -12.54 -6.93
N ASP A 59 -9.23 -12.59 -7.51
CA ASP A 59 -8.66 -11.51 -8.28
C ASP A 59 -8.66 -10.19 -7.51
N GLU A 60 -8.32 -10.23 -6.21
CA GLU A 60 -8.46 -9.09 -5.32
C GLU A 60 -7.43 -8.01 -5.62
N ILE A 61 -6.22 -8.39 -6.08
CA ILE A 61 -5.16 -7.39 -6.28
C ILE A 61 -5.60 -6.43 -7.38
N ALA A 62 -6.07 -7.00 -8.50
CA ALA A 62 -6.55 -6.24 -9.64
C ALA A 62 -7.83 -5.48 -9.30
N ARG A 63 -8.79 -6.14 -8.63
CA ARG A 63 -10.05 -5.49 -8.28
C ARG A 63 -9.80 -4.30 -7.36
N ALA A 64 -8.96 -4.47 -6.32
CA ALA A 64 -8.67 -3.41 -5.38
C ALA A 64 -7.96 -2.24 -6.06
N ALA A 65 -7.01 -2.53 -6.97
CA ALA A 65 -6.26 -1.48 -7.63
C ALA A 65 -7.22 -0.60 -8.44
N GLU A 66 -8.18 -1.22 -9.13
CA GLU A 66 -9.13 -0.51 -9.96
C GLU A 66 -10.13 0.25 -9.09
N VAL A 67 -10.65 -0.40 -8.04
CA VAL A 67 -11.60 0.24 -7.13
C VAL A 67 -10.96 1.47 -6.51
N GLU A 68 -9.69 1.39 -6.09
CA GLU A 68 -9.12 2.53 -5.37
C GLU A 68 -8.95 3.70 -6.34
N GLN A 69 -8.75 3.45 -7.64
CA GLN A 69 -8.68 4.52 -8.63
C GLN A 69 -9.94 5.38 -8.55
N ARG A 70 -11.08 4.72 -8.49
CA ARG A 70 -12.37 5.41 -8.44
C ARG A 70 -12.60 6.07 -7.08
N TRP A 71 -12.19 5.40 -5.98
CA TRP A 71 -12.28 5.97 -4.65
C TRP A 71 -11.49 7.29 -4.59
N VAL A 72 -10.27 7.27 -5.12
CA VAL A 72 -9.39 8.43 -5.05
C VAL A 72 -9.94 9.56 -5.93
N ALA A 73 -10.46 9.20 -7.11
CA ALA A 73 -11.03 10.18 -8.02
C ALA A 73 -12.18 10.91 -7.31
N LEU A 74 -13.00 10.14 -6.58
CA LEU A 74 -14.15 10.72 -5.89
C LEU A 74 -13.67 11.62 -4.75
N ALA A 75 -12.70 11.12 -3.96
CA ALA A 75 -12.10 11.91 -2.89
C ALA A 75 -11.52 13.21 -3.43
N ALA A 76 -10.83 13.14 -4.57
CA ALA A 76 -10.16 14.30 -5.14
C ALA A 76 -11.19 15.35 -5.56
N GLN A 77 -12.30 14.89 -6.15
CA GLN A 77 -13.40 15.79 -6.52
C GLN A 77 -14.02 16.44 -5.29
N GLY A 78 -14.11 15.68 -4.18
CA GLY A 78 -14.58 16.24 -2.93
C GLY A 78 -13.70 17.37 -2.40
N VAL A 79 -12.39 17.17 -2.49
CA VAL A 79 -11.43 18.15 -2.06
C VAL A 79 -11.60 19.40 -2.93
N ARG A 80 -11.66 19.22 -4.24
CA ARG A 80 -11.82 20.32 -5.16
C ARG A 80 -13.09 21.12 -4.81
N GLU A 81 -14.19 20.43 -4.54
CA GLU A 81 -15.46 21.08 -4.27
C GLU A 81 -15.42 21.90 -2.99
N LEU A 82 -14.75 21.37 -1.95
CA LEU A 82 -14.64 22.09 -0.69
C LEU A 82 -13.81 23.35 -0.92
N LEU A 83 -12.68 23.22 -1.61
CA LEU A 83 -11.82 24.37 -1.89
C LEU A 83 -12.56 25.42 -2.74
N LEU A 84 -13.36 25.00 -3.73
CA LEU A 84 -14.10 25.96 -4.55
C LEU A 84 -15.14 26.68 -3.70
N GLN A 85 -15.84 25.94 -2.82
CA GLN A 85 -16.84 26.54 -1.94
C GLN A 85 -16.20 27.55 -0.99
N GLN A 86 -14.99 27.26 -0.50
CA GLN A 86 -14.34 28.10 0.48
C GLN A 86 -13.48 29.16 -0.22
N GLN A 87 -13.50 29.18 -1.56
CA GLN A 87 -12.74 30.15 -2.35
C GLN A 87 -11.26 30.08 -1.95
N MET A 88 -10.73 28.85 -1.87
CA MET A 88 -9.37 28.58 -1.44
C MET A 88 -8.59 27.90 -2.56
N SER A 89 -7.27 28.15 -2.59
CA SER A 89 -6.34 27.47 -3.47
C SER A 89 -5.76 26.25 -2.74
N PRO A 90 -5.40 25.15 -3.45
CA PRO A 90 -4.71 24.03 -2.82
C PRO A 90 -3.44 24.42 -2.05
N ASP A 91 -2.78 25.51 -2.47
CA ASP A 91 -1.56 25.97 -1.83
C ASP A 91 -1.80 26.45 -0.40
N GLU A 92 -3.07 26.69 -0.04
CA GLU A 92 -3.42 27.18 1.29
C GLU A 92 -3.48 26.03 2.30
N VAL A 93 -3.34 24.79 1.82
CA VAL A 93 -3.48 23.61 2.68
C VAL A 93 -2.12 22.94 2.82
N ARG A 94 -1.70 22.67 4.06
CA ARG A 94 -0.40 22.09 4.31
C ARG A 94 -0.38 20.63 3.87
N ALA A 95 -1.45 19.89 4.19
CA ALA A 95 -1.52 18.47 3.87
C ALA A 95 -2.95 17.96 4.00
N ILE A 96 -3.23 16.87 3.28
CA ILE A 96 -4.40 16.04 3.49
C ILE A 96 -4.01 14.83 4.32
N GLY A 97 -4.70 14.62 5.44
CA GLY A 97 -4.67 13.35 6.15
C GLY A 97 -5.75 12.41 5.63
N SER A 98 -5.34 11.35 4.92
CA SER A 98 -6.27 10.41 4.31
C SER A 98 -6.14 9.03 4.97
N HIS A 99 -7.21 8.59 5.64
CA HIS A 99 -7.28 7.26 6.21
C HIS A 99 -7.23 6.19 5.11
N GLY A 100 -7.82 6.54 3.98
CA GLY A 100 -8.18 5.55 2.98
C GLY A 100 -9.47 4.82 3.35
N GLN A 101 -9.61 3.60 2.79
CA GLN A 101 -10.78 2.74 2.97
C GLN A 101 -10.35 1.36 3.46
N THR A 102 -10.74 1.00 4.68
CA THR A 102 -10.49 -0.33 5.20
C THR A 102 -11.27 -1.36 4.39
N ILE A 103 -10.58 -2.40 3.91
CA ILE A 103 -11.22 -3.55 3.27
C ILE A 103 -10.92 -4.85 4.01
N ARG A 104 -9.95 -4.85 4.94
CA ARG A 104 -9.68 -6.03 5.74
C ARG A 104 -8.96 -5.59 7.00
N HIS A 105 -9.36 -6.17 8.14
CA HIS A 105 -8.75 -5.81 9.41
C HIS A 105 -8.58 -7.13 10.18
N GLU A 106 -7.32 -7.54 10.35
CA GLU A 106 -7.00 -8.85 10.90
C GLU A 106 -5.93 -8.67 11.96
N PRO A 107 -6.28 -8.03 13.09
CA PRO A 107 -5.30 -7.75 14.15
C PRO A 107 -4.61 -9.02 14.65
N ALA A 108 -5.33 -10.15 14.66
CA ALA A 108 -4.78 -11.41 15.18
C ALA A 108 -3.79 -12.03 14.19
N ARG A 109 -3.83 -11.60 12.91
CA ARG A 109 -2.87 -12.02 11.90
C ARG A 109 -1.87 -10.90 11.64
N HIS A 110 -1.94 -9.83 12.43
CA HIS A 110 -0.96 -8.76 12.45
C HIS A 110 -0.99 -7.95 11.15
N PHE A 111 -2.18 -7.79 10.57
CA PHE A 111 -2.27 -6.93 9.40
C PHE A 111 -3.61 -6.20 9.35
N THR A 112 -3.58 -5.04 8.66
CA THR A 112 -4.74 -4.23 8.37
C THR A 112 -4.53 -3.61 6.99
N VAL A 113 -5.61 -3.48 6.21
CA VAL A 113 -5.53 -3.09 4.81
C VAL A 113 -6.50 -1.93 4.52
N GLN A 114 -5.92 -0.75 4.28
CA GLN A 114 -6.61 0.46 3.85
C GLN A 114 -6.16 0.73 2.42
N ILE A 115 -7.12 0.76 1.47
CA ILE A 115 -6.80 1.15 0.10
C ILE A 115 -7.02 2.65 -0.04
N GLY A 116 -6.43 3.25 -1.09
CA GLY A 116 -6.72 4.63 -1.44
C GLY A 116 -5.52 5.36 -2.07
N ASN A 117 -4.77 4.65 -2.93
CA ASN A 117 -3.58 5.12 -3.65
C ASN A 117 -3.25 6.58 -3.34
N PRO A 118 -2.47 6.85 -2.28
CA PRO A 118 -2.11 8.23 -1.92
C PRO A 118 -1.29 9.00 -2.95
N ALA A 119 -0.50 8.29 -3.77
CA ALA A 119 0.27 8.96 -4.80
C ALA A 119 -0.68 9.57 -5.83
N LEU A 120 -1.72 8.82 -6.21
CA LEU A 120 -2.72 9.33 -7.12
C LEU A 120 -3.50 10.47 -6.44
N LEU A 121 -3.81 10.35 -5.15
CA LEU A 121 -4.51 11.44 -4.46
C LEU A 121 -3.67 12.72 -4.54
N ALA A 122 -2.35 12.60 -4.35
CA ALA A 122 -1.43 13.73 -4.41
C ALA A 122 -1.39 14.33 -5.81
N GLU A 123 -1.32 13.48 -6.83
CA GLU A 123 -1.35 13.91 -8.22
C GLU A 123 -2.61 14.73 -8.48
N LEU A 124 -3.76 14.20 -8.08
CA LEU A 124 -5.03 14.80 -8.48
C LEU A 124 -5.34 16.06 -7.69
N THR A 125 -4.94 16.14 -6.41
CA THR A 125 -5.26 17.31 -5.61
C THR A 125 -4.16 18.38 -5.68
N GLY A 126 -2.92 17.96 -5.95
CA GLY A 126 -1.75 18.82 -5.88
C GLY A 126 -1.42 19.28 -4.46
N ILE A 127 -1.86 18.50 -3.46
CA ILE A 127 -1.62 18.77 -2.05
C ILE A 127 -0.88 17.57 -1.46
N ASP A 128 0.09 17.84 -0.57
CA ASP A 128 0.78 16.77 0.14
C ASP A 128 -0.24 15.87 0.84
N VAL A 129 0.02 14.56 0.81
CA VAL A 129 -0.88 13.59 1.41
C VAL A 129 -0.14 12.82 2.50
N VAL A 130 -0.78 12.70 3.66
CA VAL A 130 -0.33 11.77 4.68
C VAL A 130 -1.40 10.69 4.80
N ALA A 131 -1.00 9.44 4.59
CA ALA A 131 -1.90 8.29 4.61
C ALA A 131 -1.26 7.11 5.34
N ASP A 132 -1.99 5.98 5.36
CA ASP A 132 -1.48 4.71 5.85
C ASP A 132 -1.11 4.86 7.33
N PHE A 133 -2.09 5.30 8.11
CA PHE A 133 -1.88 5.64 9.51
C PHE A 133 -1.84 4.41 10.41
N ARG A 134 -2.48 3.31 10.04
CA ARG A 134 -2.70 2.23 11.00
C ARG A 134 -1.49 1.30 11.07
N ARG A 135 -0.73 1.17 9.98
CA ARG A 135 0.15 0.02 9.84
C ARG A 135 1.39 0.12 10.72
N ARG A 136 1.83 1.33 11.08
CA ARG A 136 2.97 1.43 12.00
C ARG A 136 2.55 0.98 13.39
N ASP A 137 1.31 1.29 13.82
CA ASP A 137 0.85 0.83 15.11
C ASP A 137 0.79 -0.70 15.14
N VAL A 138 0.28 -1.31 14.06
CA VAL A 138 0.21 -2.75 13.94
C VAL A 138 1.63 -3.35 13.95
N ALA A 139 2.54 -2.69 13.23
CA ALA A 139 3.96 -3.06 13.17
C ALA A 139 4.55 -3.18 14.57
N ALA A 140 4.16 -2.23 15.44
CA ALA A 140 4.65 -2.17 16.82
C ALA A 140 3.82 -3.05 17.77
N GLY A 141 3.03 -3.98 17.23
CA GLY A 141 2.31 -4.99 18.02
C GLY A 141 0.91 -4.56 18.45
N GLY A 142 0.46 -3.40 17.97
CA GLY A 142 -0.85 -2.89 18.32
C GLY A 142 -1.97 -3.43 17.42
N GLN A 143 -3.19 -3.06 17.81
CA GLN A 143 -4.42 -3.40 17.12
C GLN A 143 -4.55 -2.62 15.81
N GLY A 144 -3.90 -1.45 15.73
CA GLY A 144 -4.07 -0.53 14.62
C GLY A 144 -5.33 0.33 14.75
N ALA A 145 -6.11 0.12 15.82
CA ALA A 145 -7.43 0.72 15.98
C ALA A 145 -7.85 0.63 17.44
N PRO A 146 -8.67 1.56 17.96
CA PRO A 146 -9.03 2.80 17.26
C PRO A 146 -7.89 3.82 17.32
N LEU A 147 -7.86 4.76 16.36
CA LEU A 147 -6.84 5.80 16.32
C LEU A 147 -7.35 7.17 16.78
N VAL A 148 -8.66 7.35 16.99
CA VAL A 148 -9.17 8.66 17.39
C VAL A 148 -8.76 9.06 18.81
N PRO A 149 -8.47 8.13 19.76
CA PRO A 149 -8.26 8.52 21.15
C PRO A 149 -7.28 9.67 21.41
N ALA A 150 -6.20 9.76 20.63
CA ALA A 150 -5.22 10.82 20.81
C ALA A 150 -5.85 12.18 20.50
N PHE A 151 -6.67 12.20 19.44
CA PHE A 151 -7.38 13.41 19.03
C PHE A 151 -8.47 13.73 20.05
N HIS A 152 -9.21 12.70 20.49
CA HIS A 152 -10.20 12.83 21.55
C HIS A 152 -9.57 13.43 22.81
N GLN A 153 -8.37 12.97 23.16
CA GLN A 153 -7.69 13.47 24.34
C GLN A 153 -7.33 14.94 24.15
N ALA A 154 -6.88 15.29 22.94
CA ALA A 154 -6.49 16.65 22.63
C ALA A 154 -7.69 17.59 22.71
N LEU A 155 -8.86 17.11 22.26
CA LEU A 155 -10.07 17.93 22.23
C LEU A 155 -10.71 18.04 23.62
N PHE A 156 -10.84 16.92 24.33
CA PHE A 156 -11.79 16.83 25.43
C PHE A 156 -11.14 16.40 26.76
N GLY A 157 -9.81 16.31 26.79
CA GLY A 157 -9.11 15.93 28.01
C GLY A 157 -9.30 16.96 29.12
N ASP A 158 -9.78 16.50 30.28
CA ASP A 158 -10.20 17.37 31.37
C ASP A 158 -9.83 16.72 32.71
N ASP A 159 -9.02 17.42 33.50
CA ASP A 159 -8.43 16.86 34.71
C ASP A 159 -9.46 16.78 35.85
N ASP A 160 -10.66 17.33 35.63
CA ASP A 160 -11.70 17.35 36.64
C ASP A 160 -12.68 16.19 36.45
N THR A 161 -12.89 15.79 35.19
CA THR A 161 -14.02 14.96 34.81
C THR A 161 -13.55 13.68 34.12
N SER A 162 -14.06 12.54 34.59
CA SER A 162 -13.93 11.29 33.87
C SER A 162 -14.93 11.27 32.71
N ARG A 163 -14.40 11.40 31.49
CA ARG A 163 -15.20 11.45 30.29
C ARG A 163 -14.91 10.21 29.44
N ALA A 164 -15.95 9.70 28.77
CA ALA A 164 -15.80 8.75 27.68
C ALA A 164 -16.24 9.42 26.38
N VAL A 165 -15.42 9.34 25.33
CA VAL A 165 -15.85 9.79 24.01
C VAL A 165 -16.10 8.56 23.15
N LEU A 166 -17.35 8.47 22.68
CA LEU A 166 -17.87 7.26 22.08
C LEU A 166 -18.30 7.56 20.65
N ASN A 167 -17.58 6.93 19.71
CA ASN A 167 -17.94 6.96 18.31
C ASN A 167 -18.91 5.82 18.03
N ILE A 168 -20.04 6.16 17.42
CA ILE A 168 -20.98 5.14 16.96
C ILE A 168 -21.10 5.28 15.45
N GLY A 169 -20.18 4.62 14.74
CA GLY A 169 -20.25 4.49 13.30
C GLY A 169 -20.78 3.11 12.92
N GLY A 170 -20.32 2.58 11.80
CA GLY A 170 -20.55 1.18 11.49
C GLY A 170 -20.18 0.29 12.68
N PHE A 171 -19.01 0.59 13.26
CA PHE A 171 -18.58 0.00 14.52
C PHE A 171 -18.48 1.09 15.58
N SER A 172 -18.53 0.65 16.85
CA SER A 172 -18.44 1.54 17.99
C SER A 172 -17.05 1.43 18.59
N ASN A 173 -16.55 2.56 19.08
CA ASN A 173 -15.28 2.61 19.78
C ASN A 173 -15.34 3.71 20.83
N VAL A 174 -14.60 3.52 21.93
CA VAL A 174 -14.63 4.48 23.03
C VAL A 174 -13.21 4.91 23.37
N SER A 175 -13.09 6.19 23.76
CA SER A 175 -11.88 6.78 24.31
C SER A 175 -12.13 7.10 25.78
N LEU A 176 -11.32 6.51 26.66
CA LEU A 176 -11.52 6.65 28.09
C LEU A 176 -10.47 7.63 28.60
N LEU A 177 -10.95 8.85 28.87
CA LEU A 177 -10.16 9.96 29.37
C LEU A 177 -10.41 10.07 30.88
N SER A 178 -9.59 9.34 31.65
CA SER A 178 -9.66 9.33 33.10
C SER A 178 -8.57 10.25 33.65
N PRO A 179 -8.90 11.29 34.45
CA PRO A 179 -7.89 12.19 35.03
C PRO A 179 -6.72 11.44 35.65
N GLY A 180 -5.50 11.86 35.30
CA GLY A 180 -4.28 11.32 35.88
C GLY A 180 -3.93 9.92 35.38
N LYS A 181 -4.65 9.42 34.38
CA LYS A 181 -4.39 8.08 33.85
C LYS A 181 -4.08 8.19 32.36
N PRO A 182 -3.29 7.26 31.79
CA PRO A 182 -3.14 7.16 30.34
C PRO A 182 -4.51 7.00 29.68
N VAL A 183 -4.62 7.51 28.45
CA VAL A 183 -5.81 7.30 27.64
C VAL A 183 -5.94 5.82 27.36
N ARG A 184 -7.16 5.29 27.56
CA ARG A 184 -7.46 3.91 27.21
C ARG A 184 -8.58 3.91 26.17
N GLY A 185 -8.85 2.74 25.61
CA GLY A 185 -9.91 2.61 24.62
C GLY A 185 -9.80 1.34 23.78
N PHE A 186 -10.82 1.15 22.92
CA PHE A 186 -11.07 -0.09 22.22
C PHE A 186 -12.32 0.07 21.37
N ASP A 187 -12.49 -0.84 20.40
CA ASP A 187 -13.79 -1.03 19.75
C ASP A 187 -14.70 -1.74 20.75
N CYS A 188 -15.95 -1.28 20.84
CA CYS A 188 -16.96 -1.87 21.70
C CYS A 188 -17.68 -3.04 21.03
N GLY A 189 -17.78 -2.99 19.70
CA GLY A 189 -18.59 -3.94 18.96
C GLY A 189 -19.27 -3.30 17.77
N PRO A 190 -20.37 -3.88 17.26
CA PRO A 190 -21.16 -3.24 16.20
C PRO A 190 -21.69 -1.91 16.70
N GLY A 191 -21.69 -0.93 15.79
CA GLY A 191 -22.39 0.32 16.03
C GLY A 191 -23.70 0.28 15.27
N ASN A 192 -23.64 0.76 14.02
CA ASN A 192 -24.80 0.80 13.14
C ASN A 192 -24.80 -0.35 12.14
N VAL A 193 -23.70 -1.13 12.05
CA VAL A 193 -23.47 -2.00 10.90
C VAL A 193 -24.57 -3.04 10.74
N LEU A 194 -24.98 -3.66 11.85
CA LEU A 194 -25.95 -4.75 11.78
C LEU A 194 -27.37 -4.20 11.61
N MET A 195 -27.69 -3.10 12.31
CA MET A 195 -28.99 -2.47 12.14
C MET A 195 -29.15 -2.03 10.69
N ASP A 196 -28.09 -1.47 10.10
CA ASP A 196 -28.10 -1.10 8.70
C ASP A 196 -28.28 -2.35 7.83
N ALA A 197 -27.43 -3.36 8.05
CA ALA A 197 -27.45 -4.59 7.26
C ALA A 197 -28.82 -5.27 7.33
N TRP A 198 -29.42 -5.32 8.53
CA TRP A 198 -30.67 -6.04 8.69
C TRP A 198 -31.83 -5.32 7.99
N ILE A 199 -31.90 -3.99 8.11
CA ILE A 199 -32.99 -3.26 7.48
C ILE A 199 -32.78 -3.23 5.97
N HIS A 200 -31.52 -3.25 5.50
CA HIS A 200 -31.29 -3.33 4.05
C HIS A 200 -31.67 -4.72 3.54
N HIS A 201 -31.28 -5.76 4.28
CA HIS A 201 -31.56 -7.13 3.89
C HIS A 201 -33.06 -7.33 3.75
N GLN A 202 -33.83 -6.78 4.69
CA GLN A 202 -35.25 -7.04 4.79
C GLN A 202 -36.05 -6.12 3.87
N ARG A 203 -35.70 -4.83 3.84
CA ARG A 203 -36.57 -3.83 3.23
C ARG A 203 -35.87 -2.97 2.18
N GLY A 204 -34.54 -3.07 2.09
CA GLY A 204 -33.79 -2.34 1.08
C GLY A 204 -33.47 -0.90 1.50
N GLU A 205 -33.68 -0.59 2.78
CA GLU A 205 -33.34 0.70 3.36
C GLU A 205 -31.86 0.72 3.72
N HIS A 206 -31.21 1.89 3.63
CA HIS A 206 -29.80 1.96 3.96
C HIS A 206 -29.60 2.09 5.47
N PHE A 207 -30.57 2.67 6.18
CA PHE A 207 -30.51 2.70 7.63
C PHE A 207 -31.90 2.85 8.24
N ASP A 208 -31.95 2.63 9.56
CA ASP A 208 -33.17 2.67 10.35
C ASP A 208 -33.29 4.06 10.97
N ARG A 209 -34.02 4.95 10.29
CA ARG A 209 -34.04 6.35 10.66
C ARG A 209 -34.65 6.51 12.05
N ASP A 210 -33.88 7.19 12.92
CA ASP A 210 -34.23 7.50 14.31
C ASP A 210 -34.34 6.25 15.18
N GLY A 211 -33.94 5.09 14.64
CA GLY A 211 -34.18 3.80 15.27
C GLY A 211 -35.67 3.51 15.47
N ALA A 212 -36.51 4.04 14.58
CA ALA A 212 -37.96 3.94 14.69
C ALA A 212 -38.43 2.51 14.43
N TRP A 213 -37.76 1.80 13.51
CA TRP A 213 -38.14 0.42 13.22
C TRP A 213 -37.82 -0.46 14.42
N ALA A 214 -36.61 -0.28 14.97
CA ALA A 214 -36.17 -1.02 16.14
C ALA A 214 -37.12 -0.77 17.31
N ALA A 215 -37.50 0.50 17.49
CA ALA A 215 -38.34 0.92 18.60
C ALA A 215 -39.71 0.26 18.52
N SER A 216 -40.18 -0.04 17.29
CA SER A 216 -41.47 -0.67 17.08
C SER A 216 -41.44 -2.15 17.46
N GLY A 217 -40.27 -2.77 17.40
CA GLY A 217 -40.13 -4.18 17.72
C GLY A 217 -39.95 -4.42 19.22
N GLN A 218 -39.89 -5.70 19.59
CA GLN A 218 -39.67 -6.15 20.95
C GLN A 218 -38.33 -6.87 21.06
N VAL A 219 -37.47 -6.40 21.97
CA VAL A 219 -36.20 -7.06 22.24
C VAL A 219 -36.46 -8.53 22.61
N ASN A 220 -35.68 -9.44 21.99
CA ASN A 220 -35.71 -10.85 22.31
C ASN A 220 -34.53 -11.13 23.23
N HIS A 221 -34.82 -11.41 24.50
CA HIS A 221 -33.80 -11.47 25.54
C HIS A 221 -32.89 -12.68 25.35
N ALA A 222 -33.48 -13.78 24.87
CA ALA A 222 -32.72 -15.00 24.59
C ALA A 222 -31.75 -14.77 23.44
N LEU A 223 -32.25 -14.17 22.35
CA LEU A 223 -31.40 -13.86 21.21
C LEU A 223 -30.31 -12.89 21.64
N LEU A 224 -30.68 -11.89 22.45
CA LEU A 224 -29.70 -10.91 22.92
C LEU A 224 -28.58 -11.61 23.70
N ALA A 225 -28.92 -12.51 24.62
CA ALA A 225 -27.91 -13.20 25.41
C ALA A 225 -26.97 -14.01 24.51
N SER A 226 -27.53 -14.62 23.46
CA SER A 226 -26.75 -15.46 22.56
C SER A 226 -25.75 -14.61 21.77
N LEU A 227 -26.19 -13.40 21.36
CA LEU A 227 -25.32 -12.48 20.63
C LEU A 227 -24.22 -11.96 21.55
N LEU A 228 -24.58 -11.61 22.80
CA LEU A 228 -23.63 -11.03 23.73
C LEU A 228 -22.67 -12.09 24.26
N ALA A 229 -22.93 -13.37 23.98
CA ALA A 229 -22.05 -14.47 24.35
C ALA A 229 -20.83 -14.56 23.41
N ASP A 230 -20.80 -13.76 22.33
CA ASP A 230 -19.63 -13.77 21.47
C ASP A 230 -18.38 -13.44 22.29
N GLU A 231 -17.30 -14.18 22.02
CA GLU A 231 -16.08 -14.08 22.78
C GLU A 231 -15.51 -12.66 22.74
N PHE A 232 -15.80 -11.93 21.65
CA PHE A 232 -15.29 -10.58 21.50
C PHE A 232 -15.75 -9.70 22.65
N PHE A 233 -17.02 -9.84 23.05
CA PHE A 233 -17.61 -8.96 24.04
C PHE A 233 -16.99 -9.20 25.42
N ALA A 234 -16.47 -10.41 25.66
CA ALA A 234 -15.91 -10.76 26.96
C ALA A 234 -14.47 -10.27 27.10
N ALA A 235 -13.78 -10.03 25.98
CA ALA A 235 -12.39 -9.60 26.05
C ALA A 235 -12.30 -8.20 26.64
N ARG A 236 -11.20 -7.95 27.37
CA ARG A 236 -10.90 -6.66 27.98
C ARG A 236 -9.55 -6.16 27.49
N GLY A 237 -9.25 -4.88 27.77
CA GLY A 237 -8.04 -4.25 27.27
C GLY A 237 -8.17 -3.88 25.80
N PRO A 238 -7.04 -3.67 25.09
CA PRO A 238 -7.07 -3.38 23.66
C PRO A 238 -7.79 -4.48 22.90
N LYS A 239 -8.67 -4.06 21.99
CA LYS A 239 -9.31 -5.00 21.09
C LYS A 239 -9.99 -4.21 19.99
N SER A 240 -9.99 -4.78 18.78
CA SER A 240 -10.58 -4.13 17.63
C SER A 240 -11.27 -5.20 16.80
N THR A 241 -12.22 -4.77 15.95
CA THR A 241 -13.06 -5.70 15.22
C THR A 241 -13.44 -5.07 13.89
N GLY A 242 -14.42 -5.67 13.23
CA GLY A 242 -14.90 -5.20 11.94
C GLY A 242 -15.79 -6.24 11.29
N ARG A 243 -15.98 -6.11 9.97
CA ARG A 243 -16.94 -6.93 9.23
C ARG A 243 -16.53 -8.40 9.24
N GLU A 244 -15.26 -8.68 9.56
CA GLU A 244 -14.75 -10.04 9.62
C GLU A 244 -15.46 -10.82 10.72
N ARG A 245 -15.86 -10.11 11.79
CA ARG A 245 -16.56 -10.70 12.92
C ARG A 245 -18.07 -10.48 12.77
N PHE A 246 -18.46 -9.21 12.68
CA PHE A 246 -19.86 -8.84 12.80
C PHE A 246 -20.41 -8.55 11.41
N ASN A 247 -21.32 -9.43 10.99
CA ASN A 247 -21.86 -9.43 9.65
C ASN A 247 -23.16 -10.22 9.65
N LEU A 248 -23.84 -10.25 8.49
CA LEU A 248 -25.15 -10.88 8.41
C LEU A 248 -25.05 -12.39 8.62
N PRO A 249 -24.08 -13.12 8.02
CA PRO A 249 -23.91 -14.54 8.35
C PRO A 249 -23.78 -14.81 9.85
N TRP A 250 -23.08 -13.92 10.57
CA TRP A 250 -22.92 -14.05 12.01
C TRP A 250 -24.29 -14.01 12.68
N LEU A 251 -25.10 -13.01 12.31
CA LEU A 251 -26.43 -12.89 12.89
C LEU A 251 -27.25 -14.15 12.58
N GLN A 252 -27.17 -14.64 11.34
CA GLN A 252 -28.04 -15.71 10.88
C GLN A 252 -27.71 -17.03 11.58
N GLU A 253 -26.45 -17.22 11.97
CA GLU A 253 -26.07 -18.44 12.69
C GLU A 253 -26.75 -18.45 14.06
N HIS A 254 -26.94 -17.26 14.64
CA HIS A 254 -27.64 -17.12 15.91
C HIS A 254 -29.15 -17.20 15.72
N LEU A 255 -29.66 -16.64 14.62
CA LEU A 255 -31.10 -16.66 14.37
C LEU A 255 -31.59 -18.10 14.21
N ALA A 256 -30.69 -18.99 13.76
CA ALA A 256 -30.99 -20.41 13.62
C ALA A 256 -30.88 -21.13 14.97
N ARG A 257 -31.02 -20.38 16.08
CA ARG A 257 -31.14 -20.95 17.42
C ARG A 257 -32.57 -20.81 17.90
N HIS A 258 -33.12 -19.61 17.73
CA HIS A 258 -34.44 -19.24 18.24
C HIS A 258 -35.46 -19.42 17.13
N PRO A 259 -36.79 -19.44 17.43
CA PRO A 259 -37.81 -19.60 16.39
C PRO A 259 -37.84 -18.44 15.41
N ALA A 260 -38.75 -18.52 14.43
CA ALA A 260 -38.86 -17.52 13.38
C ALA A 260 -39.36 -16.20 13.97
N LEU A 261 -38.43 -15.35 14.41
CA LEU A 261 -38.77 -14.12 15.10
C LEU A 261 -39.31 -13.11 14.07
N PRO A 262 -40.14 -12.14 14.51
CA PRO A 262 -40.52 -11.02 13.66
C PRO A 262 -39.30 -10.13 13.38
N ALA A 263 -39.18 -9.68 12.13
CA ALA A 263 -38.00 -8.94 11.71
C ALA A 263 -37.83 -7.67 12.55
N ALA A 264 -38.94 -7.08 13.03
CA ALA A 264 -38.85 -5.88 13.85
C ALA A 264 -38.24 -6.21 15.21
N ASP A 265 -38.54 -7.42 15.74
CA ASP A 265 -37.99 -7.86 17.02
C ASP A 265 -36.48 -8.10 16.90
N ILE A 266 -36.03 -8.64 15.77
CA ILE A 266 -34.61 -8.83 15.56
C ILE A 266 -33.92 -7.47 15.50
N GLN A 267 -34.54 -6.49 14.84
CA GLN A 267 -33.97 -5.14 14.77
C GLN A 267 -33.90 -4.52 16.17
N ALA A 268 -34.97 -4.65 16.95
CA ALA A 268 -34.96 -4.15 18.32
C ALA A 268 -33.79 -4.77 19.09
N THR A 269 -33.59 -6.08 18.88
CA THR A 269 -32.57 -6.85 19.55
C THR A 269 -31.18 -6.34 19.15
N LEU A 270 -31.00 -6.04 17.86
CA LEU A 270 -29.73 -5.54 17.36
C LEU A 270 -29.38 -4.19 17.98
N LEU A 271 -30.40 -3.32 18.14
CA LEU A 271 -30.17 -2.04 18.78
C LEU A 271 -29.66 -2.29 20.20
N GLU A 272 -30.35 -3.17 20.93
CA GLU A 272 -29.99 -3.46 22.31
C GLU A 272 -28.58 -4.05 22.37
N LEU A 273 -28.20 -4.84 21.36
CA LEU A 273 -26.88 -5.45 21.31
C LEU A 273 -25.81 -4.36 21.31
N SER A 274 -26.04 -3.32 20.51
CA SER A 274 -25.10 -2.20 20.43
C SER A 274 -25.11 -1.41 21.74
N ALA A 275 -26.30 -1.21 22.31
CA ALA A 275 -26.43 -0.44 23.54
C ALA A 275 -25.71 -1.15 24.69
N ARG A 276 -25.95 -2.47 24.81
CA ARG A 276 -25.42 -3.24 25.92
C ARG A 276 -23.90 -3.41 25.79
N SER A 277 -23.41 -3.70 24.57
CA SER A 277 -21.98 -3.91 24.37
C SER A 277 -21.20 -2.63 24.67
N ILE A 278 -21.74 -1.48 24.26
CA ILE A 278 -21.15 -0.19 24.59
C ILE A 278 -21.19 0.02 26.10
N SER A 279 -22.38 -0.09 26.69
CA SER A 279 -22.57 0.25 28.10
CA SER A 279 -22.58 0.23 28.09
C SER A 279 -21.73 -0.67 28.98
N GLU A 280 -21.75 -1.98 28.69
CA GLU A 280 -21.04 -2.96 29.52
C GLU A 280 -19.52 -2.77 29.45
N SER A 281 -18.98 -2.49 28.25
CA SER A 281 -17.54 -2.39 28.06
C SER A 281 -17.02 -1.06 28.61
N LEU A 282 -17.81 0.00 28.44
CA LEU A 282 -17.43 1.35 28.84
C LEU A 282 -17.39 1.40 30.37
N LEU A 283 -18.48 0.95 31.00
CA LEU A 283 -18.60 0.95 32.45
C LEU A 283 -17.56 0.03 33.08
N ASP A 284 -17.31 -1.14 32.48
CA ASP A 284 -16.31 -2.05 33.00
C ASP A 284 -14.97 -1.33 33.09
N ALA A 285 -14.63 -0.57 32.05
CA ALA A 285 -13.32 0.04 31.92
C ALA A 285 -13.24 1.36 32.68
N GLN A 286 -14.37 2.08 32.76
CA GLN A 286 -14.40 3.38 33.39
C GLN A 286 -15.68 3.49 34.23
N PRO A 287 -15.74 2.77 35.38
CA PRO A 287 -16.90 2.85 36.28
C PRO A 287 -17.26 4.27 36.73
N ASP A 288 -16.25 5.13 36.75
CA ASP A 288 -16.32 6.49 37.29
C ASP A 288 -16.89 7.48 36.28
N CYS A 289 -17.25 7.01 35.09
CA CYS A 289 -17.61 7.88 33.98
C CYS A 289 -18.71 8.87 34.38
N GLU A 290 -18.46 10.15 34.10
CA GLU A 290 -19.35 11.25 34.45
C GLU A 290 -20.11 11.73 33.23
N GLU A 291 -19.44 11.74 32.06
CA GLU A 291 -20.03 12.19 30.81
C GLU A 291 -19.66 11.19 29.71
N VAL A 292 -20.63 10.88 28.85
CA VAL A 292 -20.36 10.16 27.61
C VAL A 292 -20.67 11.10 26.45
N LEU A 293 -19.64 11.42 25.65
CA LEU A 293 -19.77 12.36 24.54
C LEU A 293 -19.85 11.54 23.27
N VAL A 294 -20.94 11.67 22.52
CA VAL A 294 -21.22 10.73 21.43
C VAL A 294 -21.03 11.42 20.09
N CYS A 295 -20.23 10.79 19.22
CA CYS A 295 -20.01 11.24 17.87
C CYS A 295 -20.31 10.08 16.92
N GLY A 296 -20.12 10.33 15.60
CA GLY A 296 -20.54 9.37 14.60
C GLY A 296 -22.04 9.45 14.36
N GLY A 297 -22.49 8.72 13.32
CA GLY A 297 -23.86 8.80 12.85
C GLY A 297 -24.86 8.18 13.84
N GLY A 298 -24.37 7.30 14.70
CA GLY A 298 -25.22 6.71 15.74
C GLY A 298 -25.81 7.78 16.66
N ALA A 299 -25.11 8.90 16.81
CA ALA A 299 -25.60 10.00 17.63
C ALA A 299 -27.00 10.43 17.19
N PHE A 300 -27.35 10.14 15.93
CA PHE A 300 -28.58 10.62 15.34
C PHE A 300 -29.71 9.59 15.49
N ASN A 301 -29.37 8.41 15.98
CA ASN A 301 -30.35 7.35 16.21
C ASN A 301 -30.97 7.58 17.58
N THR A 302 -32.15 8.21 17.60
CA THR A 302 -32.78 8.66 18.84
C THR A 302 -33.01 7.49 19.79
N ALA A 303 -33.51 6.37 19.25
CA ALA A 303 -33.82 5.20 20.05
C ALA A 303 -32.55 4.66 20.71
N LEU A 304 -31.42 4.65 19.97
CA LEU A 304 -30.17 4.15 20.53
C LEU A 304 -29.67 5.05 21.64
N MET A 305 -29.73 6.37 21.41
CA MET A 305 -29.22 7.32 22.36
C MET A 305 -30.01 7.23 23.66
N LYS A 306 -31.32 7.00 23.55
CA LYS A 306 -32.19 6.88 24.72
C LYS A 306 -31.78 5.66 25.54
N ARG A 307 -31.53 4.52 24.88
CA ARG A 307 -31.09 3.30 25.56
C ARG A 307 -29.71 3.49 26.21
N LEU A 308 -28.77 4.14 25.52
CA LEU A 308 -27.47 4.38 26.14
C LEU A 308 -27.64 5.16 27.45
N ALA A 309 -28.54 6.16 27.43
CA ALA A 309 -28.79 7.00 28.58
C ALA A 309 -29.32 6.15 29.73
N MET A 310 -30.26 5.26 29.43
CA MET A 310 -30.90 4.43 30.45
C MET A 310 -29.94 3.39 31.00
N LEU A 311 -28.98 2.94 30.18
CA LEU A 311 -28.06 1.88 30.57
C LEU A 311 -26.85 2.45 31.31
N MET A 312 -26.66 3.76 31.24
CA MET A 312 -25.56 4.43 31.91
C MET A 312 -26.09 5.60 32.73
N PRO A 313 -27.00 5.33 33.69
CA PRO A 313 -27.68 6.42 34.43
C PRO A 313 -26.72 7.26 35.26
N GLU A 314 -25.52 6.75 35.53
CA GLU A 314 -24.53 7.46 36.31
C GLU A 314 -23.88 8.58 35.50
N ALA A 315 -23.98 8.51 34.16
CA ALA A 315 -23.28 9.45 33.31
C ALA A 315 -24.26 10.30 32.52
N ARG A 316 -23.85 11.54 32.25
CA ARG A 316 -24.53 12.39 31.29
C ARG A 316 -24.17 11.92 29.89
N VAL A 317 -25.16 11.42 29.13
CA VAL A 317 -24.96 10.98 27.76
C VAL A 317 -25.47 12.07 26.82
N ALA A 318 -24.59 12.54 25.92
CA ALA A 318 -24.92 13.61 25.00
C ALA A 318 -23.98 13.56 23.80
N SER A 319 -24.42 14.15 22.68
CA SER A 319 -23.60 14.17 21.49
C SER A 319 -22.55 15.27 21.63
N THR A 320 -21.50 15.20 20.81
CA THR A 320 -20.38 16.14 20.86
C THR A 320 -20.84 17.53 20.41
N ASP A 321 -21.99 17.59 19.75
CA ASP A 321 -22.63 18.83 19.37
C ASP A 321 -22.70 19.75 20.59
N GLU A 322 -23.00 19.15 21.75
CA GLU A 322 -23.18 19.84 23.01
C GLU A 322 -21.85 20.44 23.50
N TYR A 323 -20.73 20.02 22.89
CA TYR A 323 -19.40 20.48 23.28
C TYR A 323 -18.68 21.15 22.11
N GLY A 324 -19.40 21.49 21.04
CA GLY A 324 -18.88 22.33 19.98
C GLY A 324 -18.16 21.59 18.85
N ILE A 325 -18.36 20.26 18.71
CA ILE A 325 -17.88 19.51 17.57
C ILE A 325 -19.05 18.75 16.95
N PRO A 326 -19.37 18.92 15.64
CA PRO A 326 -20.44 18.15 15.01
C PRO A 326 -20.11 16.65 15.02
N PRO A 327 -21.02 15.80 15.53
CA PRO A 327 -20.80 14.36 15.59
C PRO A 327 -20.37 13.74 14.28
N ALA A 328 -20.91 14.27 13.16
CA ALA A 328 -20.72 13.66 11.85
C ALA A 328 -19.26 13.77 11.41
N TRP A 329 -18.55 14.81 11.86
CA TRP A 329 -17.27 15.22 11.25
C TRP A 329 -16.05 14.89 12.11
N MET A 330 -16.25 14.27 13.28
CA MET A 330 -15.18 14.04 14.25
C MET A 330 -14.06 13.18 13.63
N GLU A 331 -14.43 12.14 12.90
CA GLU A 331 -13.46 11.22 12.33
C GLU A 331 -12.58 11.93 11.31
N GLY A 332 -13.20 12.68 10.40
CA GLY A 332 -12.44 13.43 9.41
C GLY A 332 -11.49 14.41 10.07
N MET A 333 -11.97 15.07 11.14
CA MET A 333 -11.13 16.02 11.85
C MET A 333 -9.92 15.31 12.43
N ALA A 334 -10.13 14.09 12.95
CA ALA A 334 -9.07 13.34 13.60
C ALA A 334 -7.97 13.02 12.59
N PHE A 335 -8.34 12.70 11.35
CA PHE A 335 -7.32 12.37 10.36
C PHE A 335 -6.58 13.61 9.86
N ALA A 336 -7.26 14.77 9.84
CA ALA A 336 -6.58 16.01 9.51
C ALA A 336 -5.52 16.29 10.58
N TRP A 337 -5.92 16.07 11.83
CA TRP A 337 -5.04 16.27 12.97
C TRP A 337 -3.84 15.31 12.93
N LEU A 338 -4.06 14.06 12.49
CA LEU A 338 -2.98 13.09 12.42
C LEU A 338 -1.99 13.47 11.32
N ALA A 339 -2.46 14.16 10.28
CA ALA A 339 -1.53 14.67 9.28
C ALA A 339 -0.58 15.65 9.95
N HIS A 340 -1.15 16.55 10.75
CA HIS A 340 -0.40 17.50 11.57
C HIS A 340 0.61 16.77 12.45
N ARG A 341 0.17 15.74 13.18
CA ARG A 341 1.02 15.01 14.10
C ARG A 341 2.20 14.39 13.36
N PHE A 342 1.93 13.81 12.18
CA PHE A 342 2.98 13.22 11.36
C PHE A 342 4.06 14.27 11.07
N LEU A 343 3.62 15.45 10.61
CA LEU A 343 4.55 16.47 10.16
C LEU A 343 5.42 16.98 11.31
N GLU A 344 4.81 17.13 12.49
CA GLU A 344 5.52 17.61 13.65
C GLU A 344 6.24 16.46 14.37
N ARG A 345 6.12 15.23 13.84
CA ARG A 345 6.75 14.05 14.42
C ARG A 345 6.32 13.88 15.87
N LEU A 346 5.02 14.08 16.11
CA LEU A 346 4.40 13.80 17.38
C LEU A 346 3.62 12.49 17.24
N PRO A 347 3.67 11.60 18.24
CA PRO A 347 3.05 10.28 18.12
C PRO A 347 1.55 10.37 17.88
N GLY A 348 1.02 9.40 17.11
CA GLY A 348 -0.37 9.40 16.71
C GLY A 348 -1.20 8.35 17.45
N ASN A 349 -0.54 7.34 18.02
CA ASN A 349 -1.22 6.24 18.68
C ASN A 349 -1.25 6.46 20.18
N CYS A 350 -2.09 5.68 20.86
CA CYS A 350 -2.12 5.61 22.30
C CYS A 350 -1.83 4.17 22.69
N PRO A 351 -0.62 3.85 23.18
CA PRO A 351 -0.25 2.47 23.47
C PRO A 351 -1.20 1.70 24.39
N ASP A 352 -1.85 2.39 25.36
CA ASP A 352 -2.75 1.71 26.28
C ASP A 352 -4.11 1.48 25.62
N VAL A 353 -4.34 2.12 24.48
CA VAL A 353 -5.49 1.84 23.63
C VAL A 353 -5.18 0.64 22.74
N THR A 354 -4.05 0.72 22.00
CA THR A 354 -3.85 -0.21 20.90
C THR A 354 -3.08 -1.46 21.34
N GLY A 355 -2.36 -1.36 22.46
CA GLY A 355 -1.49 -2.45 22.89
C GLY A 355 -0.12 -2.45 22.21
N ALA A 356 0.19 -1.41 21.43
CA ALA A 356 1.49 -1.31 20.80
C ALA A 356 2.58 -1.21 21.87
N LEU A 357 3.83 -1.47 21.46
CA LEU A 357 5.00 -1.41 22.33
C LEU A 357 5.21 0.00 22.90
N GLY A 358 4.83 1.03 22.13
CA GLY A 358 5.01 2.39 22.59
C GLY A 358 4.47 3.41 21.60
N PRO A 359 4.71 4.72 21.85
CA PRO A 359 4.27 5.79 20.96
C PRO A 359 5.00 5.73 19.63
N ARG A 360 4.25 5.98 18.54
CA ARG A 360 4.80 5.86 17.20
C ARG A 360 4.33 7.03 16.34
N THR A 361 5.21 7.53 15.47
CA THR A 361 4.77 8.38 14.40
C THR A 361 3.94 7.57 13.41
N LEU A 362 2.72 8.03 13.12
CA LEU A 362 1.80 7.29 12.28
C LEU A 362 1.70 7.95 10.91
N GLY A 363 1.75 7.11 9.87
CA GLY A 363 1.45 7.50 8.51
C GLY A 363 2.69 7.64 7.63
N ALA A 364 2.44 8.06 6.40
CA ALA A 364 3.45 8.14 5.37
C ALA A 364 3.15 9.36 4.51
N LEU A 365 4.20 10.08 4.10
CA LEU A 365 4.05 11.30 3.33
C LEU A 365 4.29 11.02 1.85
N TYR A 366 3.27 11.39 1.06
CA TYR A 366 3.30 11.37 -0.38
C TYR A 366 3.26 12.81 -0.88
N PRO A 367 4.42 13.46 -1.15
CA PRO A 367 4.41 14.90 -1.45
C PRO A 367 3.83 15.16 -2.83
N ALA A 368 3.12 16.30 -2.96
CA ALA A 368 2.62 16.76 -4.24
C ALA A 368 3.81 17.03 -5.18
N PRO B 7 25.53 12.40 3.37
CA PRO B 7 24.60 11.43 3.99
C PRO B 7 24.72 10.06 3.35
N ARG B 8 24.51 9.02 4.18
CA ARG B 8 24.51 7.64 3.73
C ARG B 8 23.07 7.16 3.55
N TYR B 9 22.85 6.30 2.56
CA TYR B 9 21.54 5.73 2.28
C TYR B 9 21.68 4.23 2.04
N LEU B 10 20.68 3.48 2.53
CA LEU B 10 20.51 2.09 2.13
C LEU B 10 19.52 2.00 0.98
N GLY B 11 19.74 1.02 0.12
CA GLY B 11 18.83 0.64 -0.95
C GLY B 11 18.49 -0.84 -0.83
N LEU B 12 17.21 -1.17 -1.03
CA LEU B 12 16.77 -2.55 -0.92
C LEU B 12 16.02 -2.89 -2.20
N MET B 13 16.46 -3.97 -2.87
CA MET B 13 15.81 -4.39 -4.09
C MET B 13 15.64 -5.90 -4.03
N SER B 14 14.45 -6.32 -4.48
CA SER B 14 14.15 -7.70 -4.76
C SER B 14 13.44 -7.71 -6.11
N GLY B 15 14.13 -8.18 -7.14
CA GLY B 15 13.62 -8.02 -8.48
C GLY B 15 12.82 -9.22 -8.98
N THR B 16 12.42 -9.11 -10.25
CA THR B 16 11.64 -10.11 -10.95
C THR B 16 12.11 -11.52 -10.67
N SER B 17 13.43 -11.73 -10.66
CA SER B 17 14.00 -13.06 -10.77
C SER B 17 13.82 -13.86 -9.48
N LEU B 18 13.65 -13.14 -8.35
CA LEU B 18 13.43 -13.71 -7.04
C LEU B 18 14.58 -14.62 -6.62
N ASP B 19 15.81 -14.22 -7.01
CA ASP B 19 17.00 -14.96 -6.63
C ASP B 19 17.34 -14.68 -5.17
N GLY B 20 17.12 -13.43 -4.73
CA GLY B 20 17.51 -13.00 -3.40
C GLY B 20 17.32 -11.50 -3.21
N MET B 21 17.64 -11.02 -2.01
CA MET B 21 17.50 -9.61 -1.70
C MET B 21 18.86 -8.93 -1.80
N ASP B 22 18.83 -7.74 -2.40
CA ASP B 22 20.00 -6.90 -2.52
C ASP B 22 19.90 -5.78 -1.49
N ILE B 23 21.00 -5.56 -0.77
CA ILE B 23 21.09 -4.46 0.17
C ILE B 23 22.38 -3.71 -0.11
N VAL B 24 22.26 -2.41 -0.38
CA VAL B 24 23.39 -1.57 -0.72
C VAL B 24 23.46 -0.38 0.23
N LEU B 25 24.68 0.06 0.54
CA LEU B 25 24.92 1.29 1.27
C LEU B 25 25.72 2.24 0.39
N ILE B 26 25.21 3.47 0.20
CA ILE B 26 25.91 4.46 -0.60
C ILE B 26 26.15 5.70 0.25
N GLU B 27 27.14 6.49 -0.18
CA GLU B 27 27.30 7.87 0.23
C GLU B 27 26.92 8.77 -0.94
N GLN B 28 26.08 9.77 -0.68
CA GLN B 28 25.66 10.73 -1.69
C GLN B 28 26.20 12.11 -1.32
N GLY B 29 27.10 12.64 -2.16
CA GLY B 29 27.55 14.02 -2.06
C GLY B 29 27.50 14.68 -3.44
N ASP B 30 28.68 15.10 -3.93
CA ASP B 30 28.83 15.46 -5.33
C ASP B 30 28.85 14.19 -6.17
N ARG B 31 29.26 13.08 -5.53
CA ARG B 31 29.37 11.77 -6.16
C ARG B 31 28.33 10.84 -5.53
N THR B 32 28.05 9.73 -6.24
CA THR B 32 27.45 8.55 -5.63
C THR B 32 28.53 7.49 -5.47
N THR B 33 28.86 7.16 -4.22
CA THR B 33 29.89 6.18 -3.90
C THR B 33 29.22 4.96 -3.26
N LEU B 34 29.43 3.78 -3.85
CA LEU B 34 29.06 2.54 -3.18
C LEU B 34 30.03 2.32 -2.02
N LEU B 35 29.49 2.17 -0.81
CA LEU B 35 30.28 1.94 0.38
C LEU B 35 30.29 0.45 0.74
N ALA B 36 29.13 -0.20 0.60
CA ALA B 36 28.98 -1.59 0.98
C ALA B 36 27.77 -2.21 0.29
N SER B 37 27.74 -3.56 0.30
CA SER B 37 26.62 -4.34 -0.18
C SER B 37 26.49 -5.64 0.62
N HIS B 38 25.32 -6.26 0.50
CA HIS B 38 25.01 -7.51 1.17
C HIS B 38 23.91 -8.20 0.37
N TYR B 39 24.14 -9.48 0.07
CA TYR B 39 23.21 -10.32 -0.67
C TYR B 39 22.67 -11.39 0.27
N LEU B 40 21.36 -11.60 0.23
CA LEU B 40 20.69 -12.68 0.95
C LEU B 40 19.85 -13.48 -0.05
N PRO B 41 20.15 -14.78 -0.26
CA PRO B 41 19.37 -15.58 -1.21
C PRO B 41 17.93 -15.73 -0.74
N MET B 42 17.02 -15.87 -1.71
CA MET B 42 15.61 -15.95 -1.44
C MET B 42 15.29 -17.35 -0.92
N PRO B 43 14.74 -17.52 0.29
CA PRO B 43 14.21 -18.82 0.73
C PRO B 43 13.21 -19.36 -0.28
N ALA B 44 13.29 -20.68 -0.56
CA ALA B 44 12.51 -21.30 -1.62
C ALA B 44 11.01 -21.13 -1.37
N GLY B 45 10.59 -21.22 -0.10
CA GLY B 45 9.18 -21.09 0.24
C GLY B 45 8.64 -19.67 -0.06
N LEU B 46 9.43 -18.67 0.36
CA LEU B 46 9.07 -17.28 0.12
C LEU B 46 9.04 -16.98 -1.38
N ARG B 47 9.99 -17.56 -2.12
N ARG B 47 9.98 -17.56 -2.13
CA ARG B 47 10.06 -17.41 -3.56
CA ARG B 47 10.02 -17.38 -3.57
C ARG B 47 8.78 -17.94 -4.22
C ARG B 47 8.75 -17.92 -4.23
N GLU B 48 8.35 -19.14 -3.83
CA GLU B 48 7.14 -19.73 -4.38
C GLU B 48 5.91 -18.89 -4.04
N ASP B 49 5.86 -18.36 -2.81
CA ASP B 49 4.67 -17.64 -2.34
C ASP B 49 4.55 -16.29 -3.07
N ILE B 50 5.69 -15.70 -3.43
CA ILE B 50 5.67 -14.44 -4.18
C ILE B 50 5.22 -14.70 -5.61
N LEU B 51 5.80 -15.74 -6.25
CA LEU B 51 5.46 -16.10 -7.61
C LEU B 51 3.98 -16.43 -7.72
N ALA B 52 3.42 -16.98 -6.65
CA ALA B 52 2.01 -17.35 -6.60
C ALA B 52 1.12 -16.11 -6.63
N LEU B 53 1.65 -14.95 -6.20
CA LEU B 53 0.89 -13.70 -6.19
C LEU B 53 1.02 -12.95 -7.51
N CYS B 54 1.87 -13.47 -8.42
CA CYS B 54 2.11 -12.81 -9.69
C CYS B 54 1.09 -13.22 -10.76
N VAL B 55 0.25 -14.20 -10.41
CA VAL B 55 -0.83 -14.66 -11.25
C VAL B 55 -2.13 -14.45 -10.49
N PRO B 56 -3.20 -13.99 -11.14
CA PRO B 56 -4.48 -13.81 -10.45
C PRO B 56 -4.95 -15.09 -9.78
N GLY B 57 -5.39 -14.95 -8.55
CA GLY B 57 -5.85 -16.09 -7.79
C GLY B 57 -6.71 -15.70 -6.61
N PRO B 58 -7.01 -16.66 -5.72
CA PRO B 58 -7.88 -16.44 -4.56
C PRO B 58 -7.21 -15.82 -3.34
N ASP B 59 -8.00 -15.12 -2.53
CA ASP B 59 -7.60 -14.70 -1.19
C ASP B 59 -6.32 -13.85 -1.23
N GLU B 60 -6.15 -13.03 -2.28
CA GLU B 60 -4.89 -12.33 -2.49
C GLU B 60 -4.59 -11.27 -1.44
N ILE B 61 -5.62 -10.58 -0.91
CA ILE B 61 -5.37 -9.55 0.08
C ILE B 61 -4.69 -10.19 1.30
N ALA B 62 -5.26 -11.28 1.81
CA ALA B 62 -4.71 -11.93 3.00
C ALA B 62 -3.35 -12.57 2.68
N ARG B 63 -3.26 -13.24 1.52
CA ARG B 63 -2.02 -13.90 1.15
C ARG B 63 -0.90 -12.86 1.05
N ALA B 64 -1.17 -11.71 0.42
CA ALA B 64 -0.14 -10.70 0.19
C ALA B 64 0.31 -10.09 1.50
N ALA B 65 -0.67 -9.82 2.39
CA ALA B 65 -0.41 -9.21 3.68
C ALA B 65 0.54 -10.09 4.50
N GLU B 66 0.37 -11.42 4.42
CA GLU B 66 1.20 -12.36 5.18
C GLU B 66 2.57 -12.52 4.49
N VAL B 67 2.59 -12.66 3.16
CA VAL B 67 3.84 -12.82 2.43
C VAL B 67 4.73 -11.60 2.67
N GLU B 68 4.15 -10.39 2.69
CA GLU B 68 4.97 -9.18 2.78
C GLU B 68 5.54 -9.04 4.19
N GLN B 69 4.90 -9.61 5.23
CA GLN B 69 5.49 -9.66 6.56
C GLN B 69 6.79 -10.45 6.53
N ARG B 70 6.77 -11.60 5.84
CA ARG B 70 7.96 -12.44 5.75
C ARG B 70 9.03 -11.76 4.90
N TRP B 71 8.61 -11.10 3.83
CA TRP B 71 9.53 -10.36 2.97
C TRP B 71 10.25 -9.28 3.78
N VAL B 72 9.48 -8.52 4.58
CA VAL B 72 10.04 -7.38 5.30
C VAL B 72 11.01 -7.84 6.37
N ALA B 73 10.64 -8.93 7.06
CA ALA B 73 11.49 -9.51 8.08
C ALA B 73 12.84 -9.91 7.48
N LEU B 74 12.81 -10.43 6.24
CA LEU B 74 14.05 -10.85 5.60
C LEU B 74 14.89 -9.62 5.25
N ALA B 75 14.21 -8.60 4.70
CA ALA B 75 14.84 -7.35 4.35
C ALA B 75 15.50 -6.72 5.58
N ALA B 76 14.79 -6.70 6.70
CA ALA B 76 15.30 -6.07 7.93
C ALA B 76 16.49 -6.86 8.46
N GLN B 77 16.43 -8.19 8.35
CA GLN B 77 17.54 -9.05 8.75
C GLN B 77 18.77 -8.72 7.90
N GLY B 78 18.61 -8.63 6.57
CA GLY B 78 19.70 -8.25 5.69
C GLY B 78 20.29 -6.87 6.02
N VAL B 79 19.44 -5.90 6.37
CA VAL B 79 19.89 -4.59 6.75
C VAL B 79 20.75 -4.69 8.01
N ARG B 80 20.26 -5.46 8.99
CA ARG B 80 20.95 -5.63 10.25
C ARG B 80 22.33 -6.23 9.99
N GLU B 81 22.39 -7.25 9.14
CA GLU B 81 23.64 -7.93 8.82
C GLU B 81 24.64 -6.99 8.14
N LEU B 82 24.20 -6.16 7.19
CA LEU B 82 25.10 -5.20 6.56
C LEU B 82 25.63 -4.23 7.60
N LEU B 83 24.76 -3.74 8.49
CA LEU B 83 25.18 -2.76 9.47
C LEU B 83 26.23 -3.36 10.40
N LEU B 84 25.97 -4.58 10.88
CA LEU B 84 26.91 -5.29 11.74
C LEU B 84 28.26 -5.45 11.02
N GLN B 85 28.23 -5.82 9.73
CA GLN B 85 29.46 -6.07 8.98
C GLN B 85 30.28 -4.80 8.83
N GLN B 86 29.59 -3.66 8.73
CA GLN B 86 30.21 -2.37 8.51
C GLN B 86 30.47 -1.67 9.84
N GLN B 87 30.13 -2.32 10.95
CA GLN B 87 30.23 -1.73 12.28
C GLN B 87 29.61 -0.34 12.29
N MET B 88 28.33 -0.24 11.92
CA MET B 88 27.63 1.03 12.01
C MET B 88 26.29 0.84 12.73
N SER B 89 25.85 1.91 13.39
CA SER B 89 24.51 1.97 13.96
C SER B 89 23.54 2.41 12.87
N PRO B 90 22.24 2.03 12.98
CA PRO B 90 21.19 2.58 12.12
C PRO B 90 21.15 4.11 12.03
N ASP B 91 21.52 4.79 13.12
CA ASP B 91 21.39 6.24 13.18
C ASP B 91 22.34 6.91 12.19
N GLU B 92 23.33 6.15 11.69
CA GLU B 92 24.29 6.64 10.73
C GLU B 92 23.68 6.67 9.31
N VAL B 93 22.53 6.00 9.13
CA VAL B 93 21.86 5.96 7.85
C VAL B 93 20.69 6.96 7.87
N ARG B 94 20.61 7.76 6.80
CA ARG B 94 19.57 8.77 6.70
C ARG B 94 18.23 8.12 6.38
N ALA B 95 18.21 7.26 5.36
CA ALA B 95 17.00 6.57 4.97
C ALA B 95 17.33 5.32 4.17
N ILE B 96 16.39 4.38 4.19
CA ILE B 96 16.34 3.25 3.27
C ILE B 96 15.39 3.58 2.12
N GLY B 97 15.87 3.39 0.90
CA GLY B 97 15.05 3.39 -0.29
C GLY B 97 14.68 1.96 -0.66
N SER B 98 13.40 1.63 -0.46
CA SER B 98 12.91 0.27 -0.65
C SER B 98 11.92 0.20 -1.82
N HIS B 99 12.29 -0.55 -2.86
CA HIS B 99 11.40 -0.74 -4.00
C HIS B 99 10.16 -1.53 -3.56
N GLY B 100 10.37 -2.44 -2.61
CA GLY B 100 9.42 -3.51 -2.35
C GLY B 100 9.55 -4.62 -3.39
N GLN B 101 8.45 -5.35 -3.60
CA GLN B 101 8.40 -6.47 -4.52
C GLN B 101 7.20 -6.36 -5.47
N THR B 102 7.46 -6.24 -6.78
CA THR B 102 6.39 -6.23 -7.76
C THR B 102 5.66 -7.57 -7.80
N ILE B 103 4.34 -7.54 -7.53
CA ILE B 103 3.51 -8.72 -7.75
C ILE B 103 2.50 -8.52 -8.89
N ARG B 104 2.31 -7.29 -9.38
CA ARG B 104 1.45 -7.08 -10.53
C ARG B 104 1.83 -5.74 -11.16
N HIS B 105 1.89 -5.71 -12.49
CA HIS B 105 2.25 -4.51 -13.22
C HIS B 105 1.35 -4.41 -14.45
N GLU B 106 0.39 -3.48 -14.43
CA GLU B 106 -0.63 -3.36 -15.46
C GLU B 106 -0.74 -1.89 -15.87
N PRO B 107 0.32 -1.29 -16.44
CA PRO B 107 0.28 0.16 -16.73
C PRO B 107 -0.83 0.55 -17.71
N ALA B 108 -1.29 -0.41 -18.54
CA ALA B 108 -2.42 -0.21 -19.43
C ALA B 108 -3.69 0.08 -18.64
N ARG B 109 -3.80 -0.55 -17.46
CA ARG B 109 -4.93 -0.39 -16.56
C ARG B 109 -4.59 0.67 -15.51
N HIS B 110 -3.41 1.31 -15.67
CA HIS B 110 -2.97 2.43 -14.86
C HIS B 110 -2.71 2.00 -13.42
N PHE B 111 -2.11 0.82 -13.23
CA PHE B 111 -1.74 0.43 -11.88
C PHE B 111 -0.52 -0.49 -11.88
N THR B 112 0.19 -0.46 -10.75
CA THR B 112 1.35 -1.28 -10.46
C THR B 112 1.31 -1.59 -8.98
N VAL B 113 1.72 -2.81 -8.61
CA VAL B 113 1.59 -3.29 -7.23
C VAL B 113 2.96 -3.79 -6.74
N GLN B 114 3.55 -3.04 -5.82
CA GLN B 114 4.75 -3.44 -5.08
C GLN B 114 4.36 -3.65 -3.61
N ILE B 115 4.54 -4.87 -3.09
CA ILE B 115 4.33 -5.13 -1.67
C ILE B 115 5.64 -4.94 -0.90
N GLY B 116 5.57 -4.86 0.43
CA GLY B 116 6.75 -4.66 1.26
C GLY B 116 6.53 -3.70 2.43
N ASN B 117 5.34 -3.77 3.04
CA ASN B 117 4.94 -3.03 4.23
C ASN B 117 6.05 -2.14 4.79
N PRO B 118 6.16 -0.90 4.27
CA PRO B 118 7.21 0.02 4.70
C PRO B 118 7.17 0.42 6.18
N ALA B 119 5.96 0.48 6.75
CA ALA B 119 5.79 0.84 8.17
C ALA B 119 6.48 -0.22 9.03
N LEU B 120 6.33 -1.48 8.63
CA LEU B 120 6.97 -2.59 9.33
C LEU B 120 8.48 -2.54 9.08
N LEU B 121 8.93 -2.21 7.87
CA LEU B 121 10.36 -2.11 7.61
C LEU B 121 10.97 -1.02 8.50
N ALA B 122 10.29 0.13 8.63
CA ALA B 122 10.73 1.20 9.52
C ALA B 122 10.78 0.73 10.96
N GLU B 123 9.75 -0.01 11.42
CA GLU B 123 9.70 -0.51 12.78
C GLU B 123 10.90 -1.42 13.06
N LEU B 124 11.17 -2.36 12.15
CA LEU B 124 12.19 -3.36 12.43
C LEU B 124 13.61 -2.79 12.32
N THR B 125 13.84 -1.87 11.38
CA THR B 125 15.19 -1.37 11.12
C THR B 125 15.55 -0.17 11.99
N GLY B 126 14.55 0.62 12.42
CA GLY B 126 14.79 1.85 13.15
C GLY B 126 15.29 3.01 12.29
N ILE B 127 15.14 2.86 10.96
CA ILE B 127 15.59 3.83 9.96
C ILE B 127 14.38 4.28 9.14
N ASP B 128 14.32 5.57 8.80
CA ASP B 128 13.31 6.09 7.87
C ASP B 128 13.31 5.29 6.56
N VAL B 129 12.12 5.01 6.02
CA VAL B 129 11.96 4.28 4.76
C VAL B 129 11.26 5.16 3.73
N VAL B 130 11.88 5.27 2.55
CA VAL B 130 11.22 5.81 1.37
C VAL B 130 10.86 4.65 0.45
N ALA B 131 9.56 4.50 0.15
CA ALA B 131 9.05 3.36 -0.59
C ALA B 131 8.01 3.80 -1.60
N ASP B 132 7.48 2.84 -2.36
CA ASP B 132 6.35 3.05 -3.26
C ASP B 132 6.67 4.10 -4.33
N PHE B 133 7.78 3.89 -5.04
CA PHE B 133 8.33 4.86 -5.98
C PHE B 133 7.57 4.91 -7.30
N ARG B 134 6.93 3.81 -7.72
CA ARG B 134 6.41 3.77 -9.08
C ARG B 134 5.06 4.48 -9.19
N ARG B 135 4.31 4.56 -8.10
CA ARG B 135 2.90 4.88 -8.23
C ARG B 135 2.67 6.33 -8.60
N ARG B 136 3.57 7.26 -8.23
CA ARG B 136 3.36 8.65 -8.61
C ARG B 136 3.60 8.82 -10.11
N ASP B 137 4.53 8.05 -10.70
CA ASP B 137 4.71 8.07 -12.14
C ASP B 137 3.45 7.57 -12.84
N VAL B 138 2.87 6.44 -12.39
CA VAL B 138 1.71 5.86 -13.04
C VAL B 138 0.50 6.80 -12.93
N ALA B 139 0.37 7.46 -11.77
CA ALA B 139 -0.69 8.43 -11.53
C ALA B 139 -0.61 9.59 -12.51
N ALA B 140 0.60 9.91 -12.97
CA ALA B 140 0.84 11.02 -13.88
C ALA B 140 0.86 10.53 -15.33
N GLY B 141 0.32 9.34 -15.58
CA GLY B 141 0.14 8.83 -16.93
C GLY B 141 1.34 8.06 -17.47
N GLY B 142 2.33 7.81 -16.60
CA GLY B 142 3.52 7.10 -16.99
C GLY B 142 3.40 5.58 -16.83
N GLN B 143 4.36 4.87 -17.43
CA GLN B 143 4.46 3.43 -17.34
C GLN B 143 4.79 2.95 -15.93
N GLY B 144 5.49 3.80 -15.16
CA GLY B 144 5.97 3.44 -13.82
C GLY B 144 7.28 2.67 -13.84
N ALA B 145 7.88 2.56 -15.03
CA ALA B 145 9.04 1.70 -15.24
C ALA B 145 9.59 1.97 -16.63
N PRO B 146 10.92 1.82 -16.87
CA PRO B 146 11.91 1.65 -15.80
C PRO B 146 12.20 2.95 -15.05
N LEU B 147 12.64 2.84 -13.79
CA LEU B 147 13.01 4.01 -12.99
C LEU B 147 14.53 4.23 -12.91
N VAL B 148 15.36 3.28 -13.32
CA VAL B 148 16.80 3.43 -13.18
C VAL B 148 17.36 4.53 -14.09
N PRO B 149 16.76 4.91 -15.24
CA PRO B 149 17.39 5.88 -16.14
C PRO B 149 17.90 7.17 -15.48
N ALA B 150 17.11 7.77 -14.58
CA ALA B 150 17.55 8.98 -13.91
C ALA B 150 18.88 8.73 -13.18
N PHE B 151 19.02 7.54 -12.58
CA PHE B 151 20.25 7.17 -11.89
C PHE B 151 21.35 6.84 -12.90
N HIS B 152 21.00 6.14 -13.98
CA HIS B 152 21.97 5.83 -15.02
C HIS B 152 22.60 7.14 -15.54
N GLN B 153 21.74 8.14 -15.76
CA GLN B 153 22.19 9.48 -16.12
C GLN B 153 23.21 10.00 -15.09
N ALA B 154 22.85 9.92 -13.80
CA ALA B 154 23.68 10.47 -12.75
C ALA B 154 25.07 9.85 -12.78
N LEU B 155 25.15 8.55 -13.15
CA LEU B 155 26.41 7.83 -13.15
C LEU B 155 27.20 8.09 -14.43
N PHE B 156 26.54 7.99 -15.58
CA PHE B 156 27.22 7.67 -16.83
C PHE B 156 26.93 8.68 -17.93
N GLY B 157 26.16 9.73 -17.65
CA GLY B 157 25.93 10.79 -18.62
C GLY B 157 27.25 11.44 -19.06
N ASP B 158 27.55 11.34 -20.36
CA ASP B 158 28.81 11.81 -20.92
C ASP B 158 28.54 12.63 -22.19
N ASP B 159 29.19 13.79 -22.27
CA ASP B 159 28.93 14.76 -23.32
C ASP B 159 29.37 14.25 -24.69
N ASP B 160 30.44 13.44 -24.70
CA ASP B 160 31.11 13.08 -25.95
C ASP B 160 30.65 11.70 -26.43
N THR B 161 29.96 10.94 -25.57
CA THR B 161 29.71 9.53 -25.81
C THR B 161 28.21 9.27 -25.90
N SER B 162 27.79 8.55 -26.95
CA SER B 162 26.44 8.01 -27.04
C SER B 162 26.43 6.62 -26.39
N ARG B 163 25.70 6.50 -25.27
CA ARG B 163 25.75 5.30 -24.44
C ARG B 163 24.36 4.73 -24.23
N ALA B 164 24.26 3.39 -24.23
CA ALA B 164 23.10 2.70 -23.68
C ALA B 164 23.53 1.95 -22.42
N VAL B 165 22.76 2.12 -21.34
CA VAL B 165 22.99 1.40 -20.10
C VAL B 165 21.88 0.37 -20.01
N LEU B 166 22.27 -0.90 -19.98
CA LEU B 166 21.38 -2.01 -20.24
C LEU B 166 21.34 -2.91 -19.01
N ASN B 167 20.18 -2.92 -18.34
CA ASN B 167 19.91 -3.89 -17.30
C ASN B 167 19.36 -5.15 -17.92
N ILE B 168 19.99 -6.29 -17.65
CA ILE B 168 19.42 -7.59 -17.96
C ILE B 168 19.14 -8.30 -16.65
N GLY B 169 17.95 -8.04 -16.12
CA GLY B 169 17.41 -8.77 -14.99
C GLY B 169 16.52 -9.89 -15.50
N GLY B 170 15.55 -10.30 -14.69
CA GLY B 170 14.47 -11.13 -15.21
C GLY B 170 13.90 -10.51 -16.49
N PHE B 171 13.67 -9.19 -16.45
CA PHE B 171 13.34 -8.38 -17.61
C PHE B 171 14.54 -7.50 -17.93
N SER B 172 14.66 -7.16 -19.23
CA SER B 172 15.68 -6.26 -19.73
C SER B 172 15.08 -4.88 -19.90
N ASN B 173 15.93 -3.86 -19.70
CA ASN B 173 15.53 -2.49 -19.87
C ASN B 173 16.78 -1.66 -20.13
N VAL B 174 16.60 -0.59 -20.92
CA VAL B 174 17.72 0.15 -21.43
C VAL B 174 17.48 1.64 -21.17
N SER B 175 18.56 2.34 -20.82
CA SER B 175 18.58 3.79 -20.68
C SER B 175 19.43 4.36 -21.81
N LEU B 176 18.83 5.17 -22.69
CA LEU B 176 19.55 5.77 -23.80
C LEU B 176 20.05 7.15 -23.36
N LEU B 177 21.38 7.26 -23.26
CA LEU B 177 22.06 8.49 -22.84
C LEU B 177 22.73 9.11 -24.05
N SER B 178 21.96 9.89 -24.81
CA SER B 178 22.45 10.57 -26.00
C SER B 178 22.75 12.03 -25.67
N PRO B 179 23.97 12.54 -25.98
CA PRO B 179 24.28 13.96 -25.76
C PRO B 179 23.23 14.91 -26.34
N GLY B 180 22.87 15.93 -25.55
CA GLY B 180 21.94 16.97 -25.97
C GLY B 180 20.56 16.43 -26.33
N LYS B 181 20.07 15.45 -25.55
CA LYS B 181 18.77 14.86 -25.78
C LYS B 181 18.19 14.44 -24.43
N PRO B 182 16.84 14.46 -24.24
CA PRO B 182 16.24 13.88 -23.05
C PRO B 182 16.68 12.41 -22.90
N VAL B 183 16.85 11.97 -21.65
CA VAL B 183 17.06 10.56 -21.39
C VAL B 183 15.81 9.82 -21.87
N ARG B 184 16.04 8.77 -22.67
CA ARG B 184 14.96 7.90 -23.10
C ARG B 184 15.25 6.51 -22.54
N GLY B 185 14.31 5.60 -22.77
CA GLY B 185 14.45 4.21 -22.33
C GLY B 185 13.11 3.52 -22.18
N PHE B 186 13.18 2.23 -21.80
CA PHE B 186 12.02 1.35 -21.84
C PHE B 186 12.48 -0.06 -21.47
N ASP B 187 11.51 -0.95 -21.27
CA ASP B 187 11.77 -2.37 -21.15
C ASP B 187 11.91 -2.95 -22.56
N CYS B 188 12.97 -3.73 -22.78
CA CYS B 188 13.25 -4.32 -24.08
C CYS B 188 12.39 -5.56 -24.30
N GLY B 189 12.00 -6.22 -23.20
CA GLY B 189 11.41 -7.54 -23.27
C GLY B 189 12.02 -8.45 -22.21
N PRO B 190 11.92 -9.79 -22.35
CA PRO B 190 12.48 -10.71 -21.37
C PRO B 190 14.00 -10.64 -21.38
N GLY B 191 14.58 -10.74 -20.17
CA GLY B 191 16.01 -10.87 -20.00
C GLY B 191 16.33 -12.33 -19.70
N ASN B 192 16.35 -12.65 -18.39
CA ASN B 192 16.65 -13.99 -17.92
C ASN B 192 15.39 -14.82 -17.67
N VAL B 193 14.22 -14.15 -17.59
CA VAL B 193 13.02 -14.76 -17.02
C VAL B 193 12.65 -16.06 -17.73
N LEU B 194 12.66 -16.10 -19.07
CA LEU B 194 12.20 -17.26 -19.82
C LEU B 194 13.30 -18.31 -19.88
N MET B 195 14.56 -17.89 -19.95
CA MET B 195 15.68 -18.84 -19.92
C MET B 195 15.71 -19.55 -18.56
N ASP B 196 15.43 -18.79 -17.49
CA ASP B 196 15.38 -19.34 -16.14
C ASP B 196 14.19 -20.27 -16.01
N ALA B 197 13.03 -19.83 -16.54
CA ALA B 197 11.79 -20.60 -16.44
C ALA B 197 11.93 -21.94 -17.16
N TRP B 198 12.52 -21.90 -18.36
CA TRP B 198 12.61 -23.08 -19.21
C TRP B 198 13.52 -24.13 -18.58
N ILE B 199 14.70 -23.71 -18.10
CA ILE B 199 15.64 -24.65 -17.50
C ILE B 199 15.09 -25.18 -16.18
N HIS B 200 14.34 -24.35 -15.43
CA HIS B 200 13.72 -24.83 -14.21
C HIS B 200 12.58 -25.80 -14.53
N HIS B 201 11.78 -25.48 -15.55
CA HIS B 201 10.69 -26.33 -15.98
C HIS B 201 11.22 -27.69 -16.43
N GLN B 202 12.34 -27.70 -17.19
CA GLN B 202 12.87 -28.91 -17.79
C GLN B 202 13.74 -29.68 -16.80
N ARG B 203 14.60 -28.98 -16.05
CA ARG B 203 15.70 -29.64 -15.34
C ARG B 203 15.79 -29.25 -13.87
N GLY B 204 14.89 -28.38 -13.39
CA GLY B 204 14.85 -27.98 -11.99
C GLY B 204 16.03 -27.08 -11.60
N GLU B 205 16.75 -26.52 -12.58
CA GLU B 205 17.85 -25.60 -12.32
C GLU B 205 17.31 -24.19 -12.10
N HIS B 206 18.03 -23.38 -11.32
CA HIS B 206 17.64 -22.01 -11.05
C HIS B 206 17.81 -21.16 -12.32
N PHE B 207 18.93 -21.37 -13.00
CA PHE B 207 19.29 -20.58 -14.16
C PHE B 207 20.26 -21.40 -15.01
N ASP B 208 20.56 -20.86 -16.19
CA ASP B 208 21.40 -21.50 -17.19
C ASP B 208 22.82 -20.95 -17.04
N ARG B 209 23.66 -21.67 -16.28
CA ARG B 209 24.98 -21.20 -15.90
C ARG B 209 25.79 -20.84 -17.15
N ASP B 210 26.16 -19.56 -17.26
CA ASP B 210 26.99 -19.01 -18.33
C ASP B 210 26.35 -19.18 -19.71
N GLY B 211 25.06 -19.53 -19.73
CA GLY B 211 24.34 -19.78 -20.97
C GLY B 211 24.79 -21.05 -21.70
N ALA B 212 25.35 -22.01 -20.93
CA ALA B 212 25.96 -23.21 -21.49
C ALA B 212 24.93 -24.10 -22.17
N TRP B 213 23.76 -24.25 -21.54
CA TRP B 213 22.71 -25.07 -22.09
C TRP B 213 22.24 -24.45 -23.41
N ALA B 214 21.90 -23.16 -23.36
CA ALA B 214 21.56 -22.41 -24.55
C ALA B 214 22.61 -22.62 -25.64
N ALA B 215 23.89 -22.46 -25.27
CA ALA B 215 25.01 -22.57 -26.20
C ALA B 215 25.09 -23.96 -26.83
N SER B 216 24.60 -24.98 -26.13
CA SER B 216 24.69 -26.36 -26.60
C SER B 216 23.56 -26.67 -27.59
N GLY B 217 22.61 -25.74 -27.76
CA GLY B 217 21.48 -25.93 -28.64
C GLY B 217 21.63 -25.16 -29.95
N GLN B 218 20.66 -25.34 -30.85
CA GLN B 218 20.61 -24.59 -32.09
C GLN B 218 19.32 -23.79 -32.15
N VAL B 219 19.43 -22.50 -32.52
CA VAL B 219 18.28 -21.63 -32.68
C VAL B 219 17.35 -22.23 -33.73
N ASN B 220 16.03 -22.18 -33.44
CA ASN B 220 15.00 -22.62 -34.36
C ASN B 220 14.32 -21.39 -34.95
N HIS B 221 14.44 -21.23 -36.27
CA HIS B 221 14.07 -19.99 -36.94
C HIS B 221 12.57 -19.74 -36.82
N ALA B 222 11.79 -20.79 -37.08
CA ALA B 222 10.33 -20.72 -37.05
C ALA B 222 9.84 -20.24 -35.69
N LEU B 223 10.40 -20.82 -34.62
CA LEU B 223 10.04 -20.44 -33.26
C LEU B 223 10.50 -19.01 -32.99
N LEU B 224 11.74 -18.66 -33.34
CA LEU B 224 12.25 -17.33 -33.04
C LEU B 224 11.35 -16.26 -33.69
N ALA B 225 11.00 -16.50 -34.96
CA ALA B 225 10.14 -15.59 -35.70
C ALA B 225 8.79 -15.45 -35.00
N SER B 226 8.23 -16.59 -34.55
CA SER B 226 6.98 -16.61 -33.81
C SER B 226 7.09 -15.68 -32.60
N LEU B 227 8.16 -15.84 -31.82
CA LEU B 227 8.29 -15.12 -30.55
C LEU B 227 8.45 -13.62 -30.80
N LEU B 228 9.30 -13.25 -31.76
CA LEU B 228 9.66 -11.87 -32.03
C LEU B 228 8.51 -11.09 -32.66
N ALA B 229 7.46 -11.79 -33.12
CA ALA B 229 6.31 -11.15 -33.72
C ALA B 229 5.29 -10.70 -32.66
N ASP B 230 5.54 -11.00 -31.39
CA ASP B 230 4.69 -10.47 -30.32
C ASP B 230 4.65 -8.95 -30.44
N GLU B 231 3.44 -8.39 -30.27
CA GLU B 231 3.17 -6.98 -30.47
C GLU B 231 4.07 -6.09 -29.61
N PHE B 232 4.47 -6.56 -28.42
CA PHE B 232 5.29 -5.77 -27.52
C PHE B 232 6.56 -5.31 -28.24
N PHE B 233 7.16 -6.20 -29.04
CA PHE B 233 8.46 -5.95 -29.64
C PHE B 233 8.34 -4.85 -30.71
N ALA B 234 7.19 -4.77 -31.38
CA ALA B 234 6.99 -3.78 -32.44
C ALA B 234 6.84 -2.37 -31.86
N ALA B 235 6.40 -2.26 -30.61
CA ALA B 235 6.07 -0.98 -30.01
C ALA B 235 7.34 -0.15 -29.76
N ARG B 236 7.23 1.18 -29.89
CA ARG B 236 8.34 2.11 -29.74
C ARG B 236 7.97 3.19 -28.73
N GLY B 237 8.97 3.92 -28.22
CA GLY B 237 8.75 4.91 -27.18
C GLY B 237 8.62 4.22 -25.82
N PRO B 238 8.12 4.93 -24.78
CA PRO B 238 7.80 4.31 -23.49
C PRO B 238 7.04 2.99 -23.60
N LYS B 239 7.53 1.99 -22.87
CA LYS B 239 6.84 0.73 -22.75
C LYS B 239 7.48 -0.04 -21.59
N SER B 240 6.62 -0.81 -20.90
CA SER B 240 7.07 -1.65 -19.81
C SER B 240 6.27 -2.94 -19.84
N THR B 241 6.87 -4.01 -19.31
CA THR B 241 6.29 -5.33 -19.37
C THR B 241 6.56 -6.06 -18.06
N GLY B 242 6.25 -7.36 -18.05
CA GLY B 242 6.38 -8.18 -16.86
C GLY B 242 5.93 -9.61 -17.14
N ARG B 243 5.76 -10.38 -16.05
CA ARG B 243 5.33 -11.77 -16.11
C ARG B 243 3.91 -11.89 -16.67
N GLU B 244 3.16 -10.77 -16.69
CA GLU B 244 1.83 -10.75 -17.25
C GLU B 244 1.87 -11.19 -18.72
N ARG B 245 2.93 -10.78 -19.44
CA ARG B 245 3.04 -11.04 -20.86
C ARG B 245 4.00 -12.20 -21.15
N PHE B 246 5.21 -12.14 -20.57
CA PHE B 246 6.27 -13.10 -20.85
C PHE B 246 6.36 -14.09 -19.70
N ASN B 247 5.99 -15.34 -20.01
CA ASN B 247 5.82 -16.39 -19.01
C ASN B 247 5.78 -17.72 -19.73
N LEU B 248 5.77 -18.82 -18.97
CA LEU B 248 5.78 -20.15 -19.56
C LEU B 248 4.53 -20.39 -20.41
N PRO B 249 3.31 -20.10 -19.93
CA PRO B 249 2.11 -20.25 -20.78
C PRO B 249 2.23 -19.59 -22.15
N TRP B 250 2.85 -18.40 -22.19
CA TRP B 250 3.06 -17.67 -23.44
C TRP B 250 3.97 -18.48 -24.37
N LEU B 251 5.07 -18.98 -23.83
CA LEU B 251 6.02 -19.75 -24.63
C LEU B 251 5.35 -21.02 -25.14
N GLN B 252 4.64 -21.72 -24.25
CA GLN B 252 4.00 -22.99 -24.56
C GLN B 252 3.01 -22.82 -25.71
N GLU B 253 2.32 -21.67 -25.74
CA GLU B 253 1.35 -21.34 -26.78
C GLU B 253 2.04 -21.33 -28.15
N HIS B 254 3.23 -20.74 -28.19
CA HIS B 254 4.02 -20.68 -29.43
C HIS B 254 4.52 -22.08 -29.80
N LEU B 255 4.99 -22.84 -28.78
CA LEU B 255 5.53 -24.18 -29.01
C LEU B 255 4.45 -25.10 -29.57
N ALA B 256 3.20 -24.91 -29.15
CA ALA B 256 2.09 -25.77 -29.53
C ALA B 256 1.83 -25.69 -31.04
N ARG B 257 2.17 -24.56 -31.67
CA ARG B 257 1.86 -24.34 -33.08
C ARG B 257 2.83 -25.10 -33.99
N HIS B 258 3.78 -25.85 -33.42
CA HIS B 258 4.73 -26.63 -34.20
C HIS B 258 4.99 -27.96 -33.51
N PRO B 259 5.50 -28.99 -34.23
CA PRO B 259 5.91 -30.25 -33.58
C PRO B 259 7.11 -30.03 -32.66
N ALA B 260 7.33 -30.99 -31.75
CA ALA B 260 8.23 -30.82 -30.62
C ALA B 260 9.66 -30.52 -31.10
N LEU B 261 10.39 -29.75 -30.29
CA LEU B 261 11.80 -29.46 -30.52
C LEU B 261 12.64 -29.99 -29.37
N PRO B 262 13.95 -30.28 -29.60
CA PRO B 262 14.89 -30.46 -28.51
C PRO B 262 14.81 -29.31 -27.51
N ALA B 263 14.86 -29.63 -26.21
CA ALA B 263 14.71 -28.61 -25.19
C ALA B 263 15.84 -27.59 -25.26
N ALA B 264 17.04 -28.01 -25.66
CA ALA B 264 18.19 -27.11 -25.72
C ALA B 264 18.06 -26.16 -26.91
N ASP B 265 17.40 -26.59 -27.98
CA ASP B 265 17.10 -25.69 -29.09
C ASP B 265 16.13 -24.61 -28.65
N ILE B 266 15.13 -24.98 -27.84
CA ILE B 266 14.20 -24.02 -27.29
C ILE B 266 15.01 -23.04 -26.45
N GLN B 267 15.87 -23.56 -25.57
CA GLN B 267 16.70 -22.69 -24.73
C GLN B 267 17.52 -21.73 -25.62
N ALA B 268 18.18 -22.28 -26.64
CA ALA B 268 18.99 -21.47 -27.55
C ALA B 268 18.15 -20.36 -28.19
N THR B 269 16.91 -20.67 -28.57
CA THR B 269 16.02 -19.69 -29.18
C THR B 269 15.65 -18.61 -28.16
N LEU B 270 15.47 -19.00 -26.89
CA LEU B 270 15.12 -18.04 -25.85
C LEU B 270 16.26 -17.05 -25.64
N LEU B 271 17.51 -17.54 -25.71
CA LEU B 271 18.66 -16.64 -25.59
C LEU B 271 18.68 -15.66 -26.76
N GLU B 272 18.40 -16.17 -27.98
CA GLU B 272 18.39 -15.35 -29.18
C GLU B 272 17.23 -14.35 -29.12
N LEU B 273 16.10 -14.74 -28.53
CA LEU B 273 14.98 -13.82 -28.33
C LEU B 273 15.44 -12.63 -27.49
N SER B 274 16.11 -12.91 -26.36
CA SER B 274 16.58 -11.83 -25.50
C SER B 274 17.55 -10.92 -26.26
N ALA B 275 18.57 -11.51 -26.90
CA ALA B 275 19.61 -10.74 -27.56
C ALA B 275 19.02 -9.91 -28.72
N ARG B 276 18.13 -10.50 -29.51
CA ARG B 276 17.53 -9.84 -30.65
C ARG B 276 16.62 -8.69 -30.23
N SER B 277 15.71 -8.93 -29.27
CA SER B 277 14.77 -7.90 -28.84
C SER B 277 15.49 -6.71 -28.21
N ILE B 278 16.57 -6.99 -27.48
CA ILE B 278 17.42 -5.96 -26.89
C ILE B 278 18.13 -5.16 -27.99
N SER B 279 18.94 -5.87 -28.79
CA SER B 279 19.81 -5.25 -29.78
C SER B 279 18.99 -4.39 -30.74
N GLU B 280 17.82 -4.88 -31.15
CA GLU B 280 17.02 -4.21 -32.17
C GLU B 280 16.28 -3.00 -31.60
N SER B 281 15.81 -3.08 -30.35
CA SER B 281 15.13 -1.95 -29.74
C SER B 281 16.15 -0.88 -29.34
N LEU B 282 17.33 -1.32 -28.93
CA LEU B 282 18.40 -0.42 -28.51
C LEU B 282 18.87 0.41 -29.71
N LEU B 283 19.13 -0.26 -30.83
CA LEU B 283 19.68 0.40 -32.00
C LEU B 283 18.59 1.13 -32.80
N ASP B 284 17.33 0.72 -32.67
CA ASP B 284 16.21 1.45 -33.24
C ASP B 284 16.11 2.84 -32.58
N ALA B 285 16.35 2.89 -31.27
CA ALA B 285 16.21 4.12 -30.49
C ALA B 285 17.47 4.97 -30.60
N GLN B 286 18.63 4.33 -30.45
CA GLN B 286 19.93 4.99 -30.44
C GLN B 286 20.83 4.33 -31.47
N PRO B 287 20.58 4.55 -32.79
CA PRO B 287 21.33 3.86 -33.84
C PRO B 287 22.83 4.15 -33.87
N ASP B 288 23.25 5.21 -33.20
CA ASP B 288 24.64 5.66 -33.22
C ASP B 288 25.33 5.31 -31.91
N CYS B 289 24.81 4.28 -31.21
CA CYS B 289 25.36 3.82 -29.93
C CYS B 289 26.79 3.31 -30.10
N GLU B 290 27.69 3.79 -29.23
CA GLU B 290 29.10 3.41 -29.26
C GLU B 290 29.48 2.55 -28.06
N GLU B 291 28.62 2.53 -27.02
CA GLU B 291 28.96 1.84 -25.78
C GLU B 291 27.67 1.32 -25.16
N VAL B 292 27.64 0.01 -24.89
CA VAL B 292 26.58 -0.60 -24.12
C VAL B 292 27.16 -1.03 -22.77
N LEU B 293 26.64 -0.44 -21.69
CA LEU B 293 27.10 -0.71 -20.34
C LEU B 293 26.10 -1.66 -19.68
N VAL B 294 26.50 -2.93 -19.48
CA VAL B 294 25.56 -3.94 -19.07
C VAL B 294 25.60 -4.13 -17.55
N CYS B 295 24.42 -4.16 -16.94
CA CYS B 295 24.28 -4.48 -15.53
C CYS B 295 23.16 -5.51 -15.37
N GLY B 296 22.92 -5.90 -14.12
CA GLY B 296 22.08 -7.05 -13.80
C GLY B 296 22.82 -8.37 -14.00
N GLY B 297 22.20 -9.45 -13.53
CA GLY B 297 22.80 -10.77 -13.51
C GLY B 297 22.97 -11.37 -14.90
N GLY B 298 22.26 -10.82 -15.90
CA GLY B 298 22.48 -11.21 -17.28
C GLY B 298 23.89 -10.89 -17.76
N ALA B 299 24.60 -10.00 -17.05
CA ALA B 299 25.97 -9.65 -17.38
C ALA B 299 26.90 -10.86 -17.21
N PHE B 300 26.44 -11.87 -16.44
CA PHE B 300 27.22 -13.05 -16.12
C PHE B 300 26.85 -14.22 -17.05
N ASN B 301 25.86 -14.02 -17.93
CA ASN B 301 25.55 -15.04 -18.92
C ASN B 301 26.50 -14.83 -20.09
N THR B 302 27.61 -15.59 -20.07
CA THR B 302 28.69 -15.46 -21.03
C THR B 302 28.15 -15.54 -22.46
N ALA B 303 27.30 -16.54 -22.72
CA ALA B 303 26.75 -16.77 -24.05
C ALA B 303 25.93 -15.57 -24.52
N LEU B 304 25.09 -15.03 -23.62
CA LEU B 304 24.26 -13.88 -23.96
C LEU B 304 25.12 -12.66 -24.28
N MET B 305 26.14 -12.43 -23.45
CA MET B 305 27.01 -11.28 -23.61
C MET B 305 27.79 -11.37 -24.92
N LYS B 306 28.15 -12.59 -25.34
CA LYS B 306 28.81 -12.79 -26.61
C LYS B 306 27.87 -12.39 -27.76
N ARG B 307 26.61 -12.86 -27.70
CA ARG B 307 25.67 -12.64 -28.80
C ARG B 307 25.31 -11.15 -28.91
N LEU B 308 25.19 -10.46 -27.77
CA LEU B 308 24.89 -9.04 -27.76
C LEU B 308 25.98 -8.27 -28.49
N ALA B 309 27.25 -8.64 -28.23
CA ALA B 309 28.39 -8.00 -28.88
C ALA B 309 28.33 -8.24 -30.40
N MET B 310 27.91 -9.44 -30.80
CA MET B 310 27.85 -9.78 -32.22
C MET B 310 26.72 -9.02 -32.92
N LEU B 311 25.58 -8.85 -32.24
CA LEU B 311 24.42 -8.20 -32.82
C LEU B 311 24.58 -6.68 -32.83
N MET B 312 25.54 -6.18 -32.04
CA MET B 312 25.79 -4.75 -31.93
C MET B 312 27.28 -4.52 -32.16
N PRO B 313 27.77 -4.78 -33.39
CA PRO B 313 29.21 -4.79 -33.65
C PRO B 313 29.84 -3.40 -33.61
N GLU B 314 29.01 -2.36 -33.83
CA GLU B 314 29.44 -0.97 -33.78
C GLU B 314 29.84 -0.55 -32.37
N ALA B 315 29.25 -1.17 -31.34
CA ALA B 315 29.35 -0.68 -29.98
C ALA B 315 30.20 -1.62 -29.12
N ARG B 316 30.93 -1.06 -28.16
CA ARG B 316 31.63 -1.86 -27.18
C ARG B 316 30.61 -2.33 -26.14
N VAL B 317 30.44 -3.65 -26.05
CA VAL B 317 29.56 -4.24 -25.05
C VAL B 317 30.41 -4.74 -23.87
N ALA B 318 30.22 -4.11 -22.70
CA ALA B 318 30.95 -4.45 -21.49
C ALA B 318 30.04 -4.29 -20.29
N SER B 319 30.36 -5.00 -19.20
CA SER B 319 29.62 -4.85 -17.95
C SER B 319 30.02 -3.52 -17.32
N THR B 320 29.24 -3.06 -16.34
CA THR B 320 29.50 -1.81 -15.64
C THR B 320 30.71 -1.95 -14.71
N ASP B 321 31.14 -3.18 -14.46
CA ASP B 321 32.27 -3.43 -13.58
C ASP B 321 33.49 -2.65 -14.08
N GLU B 322 33.65 -2.60 -15.41
CA GLU B 322 34.74 -1.87 -16.04
C GLU B 322 34.74 -0.41 -15.56
N TYR B 323 33.55 0.14 -15.29
CA TYR B 323 33.38 1.54 -14.98
C TYR B 323 33.32 1.78 -13.48
N GLY B 324 33.60 0.74 -12.68
CA GLY B 324 33.70 0.87 -11.24
C GLY B 324 32.38 0.64 -10.51
N ILE B 325 31.37 0.09 -11.22
CA ILE B 325 30.08 -0.20 -10.63
C ILE B 325 29.80 -1.70 -10.80
N PRO B 326 29.65 -2.48 -9.71
CA PRO B 326 29.33 -3.91 -9.85
C PRO B 326 27.94 -4.06 -10.47
N PRO B 327 27.81 -4.82 -11.57
CA PRO B 327 26.53 -4.97 -12.29
C PRO B 327 25.41 -5.53 -11.41
N ALA B 328 25.77 -6.35 -10.43
CA ALA B 328 24.81 -6.97 -9.53
C ALA B 328 24.12 -5.96 -8.63
N TRP B 329 24.77 -4.84 -8.31
CA TRP B 329 24.30 -3.94 -7.26
C TRP B 329 23.70 -2.65 -7.82
N MET B 330 23.59 -2.54 -9.15
CA MET B 330 23.14 -1.32 -9.78
C MET B 330 21.73 -0.95 -9.33
N GLU B 331 20.82 -1.94 -9.29
CA GLU B 331 19.41 -1.67 -9.00
C GLU B 331 19.22 -1.25 -7.55
N GLY B 332 19.88 -1.98 -6.62
CA GLY B 332 19.93 -1.55 -5.24
C GLY B 332 20.43 -0.12 -5.10
N MET B 333 21.51 0.22 -5.83
CA MET B 333 22.08 1.56 -5.74
C MET B 333 21.05 2.61 -6.17
N ALA B 334 20.29 2.30 -7.23
CA ALA B 334 19.28 3.21 -7.75
C ALA B 334 18.25 3.59 -6.70
N PHE B 335 17.76 2.61 -5.92
CA PHE B 335 16.70 2.91 -4.97
C PHE B 335 17.26 3.68 -3.77
N ALA B 336 18.51 3.39 -3.37
CA ALA B 336 19.18 4.24 -2.39
C ALA B 336 19.19 5.68 -2.89
N TRP B 337 19.65 5.86 -4.13
CA TRP B 337 19.67 7.17 -4.78
C TRP B 337 18.28 7.80 -4.77
N LEU B 338 17.23 7.01 -5.07
CA LEU B 338 15.89 7.56 -5.14
C LEU B 338 15.42 8.04 -3.78
N ALA B 339 15.87 7.40 -2.68
CA ALA B 339 15.53 7.90 -1.36
C ALA B 339 16.08 9.31 -1.18
N HIS B 340 17.31 9.52 -1.67
CA HIS B 340 17.97 10.82 -1.60
C HIS B 340 17.16 11.84 -2.39
N ARG B 341 16.75 11.46 -3.61
CA ARG B 341 15.99 12.35 -4.47
C ARG B 341 14.70 12.77 -3.78
N PHE B 342 14.02 11.81 -3.15
CA PHE B 342 12.79 12.11 -2.42
C PHE B 342 13.06 13.22 -1.40
N LEU B 343 14.06 12.98 -0.54
CA LEU B 343 14.31 13.81 0.63
C LEU B 343 14.84 15.18 0.23
N GLU B 344 15.33 15.32 -1.01
CA GLU B 344 15.76 16.62 -1.50
C GLU B 344 14.69 17.24 -2.38
N ARG B 345 13.56 16.54 -2.55
CA ARG B 345 12.48 16.91 -3.45
C ARG B 345 13.00 17.20 -4.86
N LEU B 346 13.78 16.27 -5.41
CA LEU B 346 14.19 16.30 -6.80
C LEU B 346 13.44 15.20 -7.55
N PRO B 347 13.16 15.36 -8.86
CA PRO B 347 12.35 14.38 -9.58
C PRO B 347 13.08 13.05 -9.73
N GLY B 348 12.32 11.94 -9.66
CA GLY B 348 12.88 10.60 -9.74
C GLY B 348 12.60 9.91 -11.08
N ASN B 349 11.59 10.40 -11.81
CA ASN B 349 11.24 9.82 -13.11
C ASN B 349 11.88 10.62 -14.25
N CYS B 350 11.85 9.98 -15.43
CA CYS B 350 12.27 10.59 -16.68
C CYS B 350 11.07 10.57 -17.63
N PRO B 351 10.37 11.70 -17.83
CA PRO B 351 9.14 11.72 -18.64
C PRO B 351 9.26 11.10 -20.02
N ASP B 352 10.40 11.26 -20.70
CA ASP B 352 10.55 10.69 -22.04
C ASP B 352 10.87 9.20 -21.96
N VAL B 353 11.12 8.68 -20.75
CA VAL B 353 11.22 7.24 -20.52
C VAL B 353 9.83 6.67 -20.24
N THR B 354 9.10 7.27 -19.29
CA THR B 354 7.91 6.64 -18.74
C THR B 354 6.63 7.10 -19.43
N GLY B 355 6.69 8.27 -20.08
CA GLY B 355 5.51 8.85 -20.72
C GLY B 355 4.67 9.69 -19.77
N ALA B 356 5.19 9.97 -18.57
CA ALA B 356 4.45 10.75 -17.59
C ALA B 356 4.34 12.20 -18.06
N LEU B 357 3.32 12.90 -17.55
CA LEU B 357 3.03 14.28 -17.92
C LEU B 357 4.24 15.18 -17.68
N GLY B 358 4.96 14.94 -16.58
CA GLY B 358 6.14 15.73 -16.27
C GLY B 358 6.96 15.09 -15.15
N PRO B 359 8.04 15.79 -14.71
CA PRO B 359 8.84 15.35 -13.57
C PRO B 359 8.00 15.27 -12.30
N ARG B 360 8.27 14.24 -11.50
CA ARG B 360 7.52 14.01 -10.28
C ARG B 360 8.47 13.50 -9.20
N THR B 361 8.21 13.94 -7.96
CA THR B 361 8.82 13.35 -6.79
C THR B 361 8.26 11.96 -6.57
N LEU B 362 9.14 10.95 -6.53
CA LEU B 362 8.73 9.55 -6.45
C LEU B 362 8.95 9.02 -5.04
N GLY B 363 7.97 8.26 -4.56
CA GLY B 363 8.08 7.52 -3.30
C GLY B 363 7.31 8.19 -2.15
N ALA B 364 7.40 7.55 -0.98
CA ALA B 364 6.70 8.02 0.20
C ALA B 364 7.54 7.72 1.43
N LEU B 365 7.56 8.67 2.37
CA LEU B 365 8.39 8.57 3.57
C LEU B 365 7.60 7.95 4.69
N TYR B 366 8.14 6.84 5.22
CA TYR B 366 7.69 6.21 6.45
C TYR B 366 8.73 6.47 7.52
N PRO B 367 8.52 7.43 8.43
CA PRO B 367 9.57 7.81 9.39
C PRO B 367 9.75 6.75 10.46
N ALA B 368 10.99 6.57 10.92
CA ALA B 368 11.25 5.76 12.11
C ALA B 368 10.70 6.49 13.34
PG ANP C . -16.97 3.77 10.96
O1G ANP C . -15.86 3.86 10.01
O2G ANP C . -17.25 2.36 11.57
O3G ANP C . -16.83 4.76 12.16
PB ANP C . -18.84 5.47 9.51
O1B ANP C . -17.88 6.55 9.79
O2B ANP C . -19.03 5.30 8.00
N3B ANP C . -18.40 4.06 10.20
PA ANP C . -20.90 7.39 10.15
O1A ANP C . -20.50 8.12 11.36
O2A ANP C . -20.78 8.04 8.80
O3A ANP C . -20.23 5.90 10.15
O5' ANP C . -22.43 6.98 10.37
C5' ANP C . -23.21 6.38 9.32
C4' ANP C . -24.39 5.67 9.94
O4' ANP C . -25.07 6.52 10.90
C3' ANP C . -25.46 5.31 8.94
O3' ANP C . -25.15 4.13 8.18
C2' ANP C . -26.68 5.14 9.83
O2' ANP C . -26.71 3.78 10.33
C1' ANP C . -26.40 6.07 10.99
N9 ANP C . -27.32 7.19 10.96
C8 ANP C . -27.13 8.42 10.37
N7 ANP C . -28.18 9.24 10.51
C5 ANP C . -29.10 8.48 11.22
C6 ANP C . -30.39 8.75 11.71
N6 ANP C . -30.99 9.93 11.49
N1 ANP C . -31.03 7.76 12.38
C2 ANP C . -30.41 6.58 12.57
N3 ANP C . -29.19 6.20 12.19
C4 ANP C . -28.58 7.23 11.51
C1 AH0 D . -13.71 1.08 12.50
C2 AH0 D . -12.26 1.50 12.25
N2 AH0 D . -11.41 0.38 12.22
C7 AH0 D . -10.71 0.10 11.00
O7 AH0 D . -10.85 0.83 9.98
C8 AH0 D . -9.76 -1.11 10.99
C3 AH0 D . -11.79 2.48 13.33
O3 AH0 D . -12.13 3.84 12.92
C4 AH0 D . -12.43 2.25 14.71
O4 AH0 D . -11.65 1.30 15.45
C5 AH0 D . -13.86 1.72 14.62
O5 AH0 D . -13.86 0.52 13.81
C6 AH0 D . -14.77 2.59 13.84
O6 AH0 D . -14.56 2.21 12.46
CA AH0 D . -11.98 5.04 13.70
CB AH0 D . -11.91 6.23 12.71
C AH0 D . -10.75 5.04 14.56
O AH0 D . -10.85 5.61 15.62
OXT AH0 D . -9.63 4.47 14.20
C1 GOL E . -25.21 -5.28 0.13
O1 GOL E . -24.16 -5.52 -0.79
C2 GOL E . -25.42 -3.80 0.38
O2 GOL E . -26.19 -3.23 -0.67
C3 GOL E . -26.06 -3.50 1.71
O3 GOL E . -25.09 -3.22 2.71
O1 TLA F . -19.55 24.33 3.56
O11 TLA F . -21.23 24.64 2.14
C1 TLA F . -20.61 23.98 3.01
C2 TLA F . -21.22 22.64 3.41
O2 TLA F . -20.52 22.03 4.47
C3 TLA F . -21.27 21.71 2.19
O3 TLA F . -19.96 21.41 1.74
C4 TLA F . -22.04 20.43 2.52
O4 TLA F . -23.13 20.59 3.12
O41 TLA F . -21.55 19.34 2.18
PG ANP G . 17.58 -7.37 -9.16
PG ANP G . 15.02 -7.80 -12.45
O1G ANP G . 16.52 -6.68 -8.43
O1G ANP G . 14.14 -8.10 -13.58
O2G ANP G . 18.77 -6.48 -9.64
O2G ANP G . 16.08 -6.67 -12.70
O3G ANP G . 18.21 -8.54 -8.33
O3G ANP G . 14.23 -7.41 -11.17
PB ANP G . 16.53 -9.51 -10.78
PB ANP G . 16.55 -9.40 -10.61
O1B ANP G . 16.27 -10.19 -9.51
O1B ANP G . 17.12 -8.22 -9.94
O2B ANP G . 15.31 -9.58 -11.72
O2B ANP G . 15.44 -10.06 -9.71
N3B ANP G . 17.03 -7.97 -10.57
N3B ANP G . 15.99 -9.07 -12.10
PA ANP G . 19.31 -10.16 -11.16
PA ANP G . 18.83 -10.51 -11.97
O1A ANP G . 19.86 -8.96 -11.84
O1A ANP G . 18.22 -11.16 -13.15
O2A ANP G . 19.61 -10.39 -9.70
O2A ANP G . 19.59 -9.21 -12.12
O3A ANP G . 17.73 -10.30 -11.48
O3A ANP G . 17.74 -10.44 -10.76
O5' ANP G . 19.86 -11.42 -11.98
O5' ANP G . 19.83 -11.59 -11.33
C5' ANP G . 19.43 -12.75 -11.63
C5' ANP G . 19.43 -12.96 -11.20
C4' ANP G . 19.56 -13.63 -12.86
C4' ANP G . 19.57 -13.66 -12.54
O4' ANP G . 20.86 -13.49 -13.48
O4' ANP G . 20.89 -13.45 -13.11
C3' ANP G . 19.48 -15.11 -12.53
C3' ANP G . 19.44 -15.16 -12.43
O3' ANP G . 18.13 -15.56 -12.35
O3' ANP G . 18.07 -15.60 -12.38
C2' ANP G . 20.15 -15.74 -13.71
C2' ANP G . 20.16 -15.64 -13.66
O2' ANP G . 19.20 -15.94 -14.77
O2' ANP G . 19.23 -15.72 -14.77
C1' ANP G . 21.17 -14.69 -14.15
C1' ANP G . 21.18 -14.54 -13.95
N9 ANP G . 22.51 -15.12 -13.84
N9 ANP G . 22.51 -15.02 -13.70
C8 ANP G . 23.23 -14.88 -12.71
C8 ANP G . 23.30 -14.80 -12.60
N7 ANP G . 24.45 -15.43 -12.71
N7 ANP G . 24.50 -15.41 -12.68
C5 ANP G . 24.50 -16.10 -13.93
C5 ANP G . 24.46 -16.06 -13.91
C6 ANP G . 25.48 -16.86 -14.55
C6 ANP G . 25.39 -16.85 -14.58
N6 ANP G . 26.66 -17.11 -13.97
N6 ANP G . 26.59 -17.14 -14.06
N1 ANP G . 25.20 -17.37 -15.80
N1 ANP G . 25.03 -17.34 -15.81
C2 ANP G . 24.02 -17.11 -16.35
C2 ANP G . 23.83 -17.04 -16.31
N3 ANP G . 23.00 -16.41 -15.88
N3 ANP G . 22.86 -16.30 -15.78
C4 ANP G . 23.31 -15.91 -14.64
C4 ANP G . 23.25 -15.83 -14.54
C1 AH0 H . 11.30 -4.99 -14.05
C2 AH0 H . 10.91 -3.77 -13.21
N2 AH0 H . 9.55 -3.41 -13.43
C7 AH0 H . 8.62 -3.56 -12.37
O7 AH0 H . 8.97 -4.01 -11.25
C8 AH0 H . 7.16 -3.13 -12.65
C3 AH0 H . 11.76 -2.56 -13.57
O3 AH0 H . 12.91 -2.60 -12.66
C4 AH0 H . 12.31 -2.55 -15.00
O4 AH0 H . 11.44 -1.80 -15.84
C5 AH0 H . 12.50 -3.94 -15.60
O5 AH0 H . 11.26 -4.66 -15.44
C6 AH0 H . 13.44 -4.79 -14.82
O6 AH0 H . 12.65 -5.38 -13.79
CA AH0 H . 14.02 -1.71 -12.70
CB AH0 H . 14.67 -1.70 -11.29
C AH0 H . 13.61 -0.30 -13.06
O AH0 H . 12.51 0.15 -12.77
OXT AH0 H . 14.49 0.42 -13.70
C1 GOL I . 10.42 -20.66 -11.02
O1 GOL I . 10.11 -20.48 -12.40
C2 GOL I . 9.58 -21.76 -10.39
O2 GOL I . 10.06 -22.01 -9.07
C3 GOL I . 8.10 -21.43 -10.34
O3 GOL I . 7.39 -22.33 -9.50
O1 TLA J . 31.23 -8.64 3.56
O11 TLA J . 30.69 -6.67 2.71
C1 TLA J . 30.67 -7.92 2.71
C2 TLA J . 29.92 -8.62 1.57
O2 TLA J . 29.36 -7.70 0.66
C3 TLA J . 28.82 -9.54 2.14
O3 TLA J . 27.83 -8.77 2.80
C4 TLA J . 28.21 -10.40 1.02
O4 TLA J . 26.96 -10.50 0.98
O41 TLA J . 29.02 -10.96 0.23
#